data_9UGE
#
_entry.id   9UGE
#
_cell.length_a   88.308
_cell.length_b   101.623
_cell.length_c   162.683
_cell.angle_alpha   90.000
_cell.angle_beta   90.000
_cell.angle_gamma   90.000
#
_symmetry.space_group_name_H-M   'I 2 2 2'
#
loop_
_entity.id
_entity.type
_entity.pdbx_description
1 polymer 'Peptidoglycan recognition protein 1'
2 non-polymer D-MALATE
3 non-polymer 'OXALIC ACID'
4 water water
#
_entity_poly.entity_id   1
_entity_poly.type   'polypeptide(L)'
_entity_poly.pdbx_seq_one_letter_code
;EDPPACGSIVPRREWRALASECRERLTRPVRYVVVSHTAGSHCDTPASCAQQAQNVQSYHVRNLGWCDVGYNFLIGEDGL
VYEGRGWNIKGAHAGPTWNPISIGISFMGNYMNRVPPPRALRAAQNLLACGVALGALRSNYEVKGHRDVQPTLSPGDRLY
EIIQTWSHYRA
;
_entity_poly.pdbx_strand_id   A,B,C,D
#
# COMPACT_ATOMS: atom_id res chain seq x y z
N GLU A 1 -8.20 10.39 -25.38
CA GLU A 1 -9.02 9.15 -25.40
C GLU A 1 -9.05 8.49 -24.02
N ASP A 2 -7.90 8.51 -23.32
CA ASP A 2 -7.75 7.93 -21.99
C ASP A 2 -8.92 8.36 -21.10
N PRO A 3 -9.50 7.44 -20.27
CA PRO A 3 -10.72 7.73 -19.52
C PRO A 3 -10.48 8.70 -18.36
N PRO A 4 -11.45 8.90 -17.42
CA PRO A 4 -11.46 10.11 -16.60
C PRO A 4 -10.37 10.16 -15.53
N ALA A 5 -10.21 11.34 -14.93
CA ALA A 5 -9.09 11.65 -14.05
C ALA A 5 -9.28 11.03 -12.67
N CYS A 6 -8.39 11.41 -11.74
CA CYS A 6 -8.54 11.11 -10.33
C CYS A 6 -8.34 12.38 -9.50
N GLY A 7 -8.79 12.31 -8.26
CA GLY A 7 -8.41 13.26 -7.24
C GLY A 7 -9.01 14.63 -7.48
N SER A 8 -8.89 15.48 -6.46
CA SER A 8 -9.20 16.88 -6.59
C SER A 8 -7.96 17.68 -6.23
N ILE A 9 -7.54 18.51 -7.21
CA ILE A 9 -6.33 19.28 -7.15
C ILE A 9 -6.66 20.67 -7.68
N VAL A 10 -6.23 21.70 -6.94
CA VAL A 10 -6.32 23.07 -7.40
C VAL A 10 -5.35 23.24 -8.56
N PRO A 11 -5.81 23.36 -9.82
CA PRO A 11 -4.89 23.58 -10.93
C PRO A 11 -4.06 24.87 -10.81
N ARG A 12 -2.93 24.88 -11.53
CA ARG A 12 -1.99 25.99 -11.51
C ARG A 12 -2.68 27.31 -11.84
N ARG A 13 -3.45 27.30 -12.93
CA ARG A 13 -4.17 28.47 -13.42
C ARG A 13 -4.95 29.11 -12.27
N GLU A 14 -5.54 28.27 -11.41
CA GLU A 14 -6.49 28.68 -10.39
C GLU A 14 -5.79 29.37 -9.22
N TRP A 15 -4.59 28.91 -8.80
CA TRP A 15 -3.85 29.62 -7.77
C TRP A 15 -2.89 30.66 -8.38
N ARG A 16 -3.19 31.09 -9.61
CA ARG A 16 -2.56 32.26 -10.22
C ARG A 16 -1.06 32.00 -10.36
N ALA A 17 -0.71 30.81 -10.87
CA ALA A 17 0.67 30.38 -10.98
C ALA A 17 1.31 30.95 -12.22
N LEU A 18 2.56 31.41 -12.07
CA LEU A 18 3.42 31.67 -13.21
C LEU A 18 3.53 30.38 -14.02
N ALA A 19 3.88 30.52 -15.31
CA ALA A 19 4.03 29.37 -16.20
C ALA A 19 5.34 28.65 -15.89
N SER A 20 5.35 27.33 -16.11
CA SER A 20 6.53 26.51 -15.84
C SER A 20 7.54 26.70 -16.97
N GLU A 21 8.83 26.64 -16.63
CA GLU A 21 9.91 26.62 -17.60
C GLU A 21 10.60 25.25 -17.57
N CYS A 22 9.95 24.25 -16.96
CA CYS A 22 10.56 22.95 -16.72
C CYS A 22 10.26 21.99 -17.87
N ARG A 23 11.27 21.21 -18.28
CA ARG A 23 11.18 20.30 -19.42
C ARG A 23 11.56 18.87 -19.02
N GLU A 24 12.41 18.72 -18.01
CA GLU A 24 12.87 17.42 -17.54
C GLU A 24 11.70 16.58 -17.01
N ARG A 25 11.55 15.38 -17.57
CA ARG A 25 10.45 14.49 -17.23
C ARG A 25 10.89 13.44 -16.23
N LEU A 26 9.91 12.86 -15.53
CA LEU A 26 10.11 11.69 -14.69
C LEU A 26 9.77 10.44 -15.48
N THR A 27 10.29 9.29 -15.03
CA THR A 27 10.04 8.01 -15.67
C THR A 27 8.90 7.32 -14.92
N ARG A 28 7.79 7.14 -15.64
CA ARG A 28 6.61 6.48 -15.11
C ARG A 28 6.70 4.96 -15.15
N PRO A 29 6.25 4.25 -14.09
CA PRO A 29 5.80 4.86 -12.84
C PRO A 29 6.96 5.14 -11.88
N VAL A 30 6.70 6.05 -10.95
CA VAL A 30 7.72 6.56 -10.04
C VAL A 30 7.68 5.78 -8.74
N ARG A 31 8.85 5.35 -8.28
CA ARG A 31 8.92 4.42 -7.17
C ARG A 31 8.79 5.15 -5.83
N TYR A 32 9.15 6.44 -5.75
CA TYR A 32 9.32 7.08 -4.45
C TYR A 32 8.52 8.36 -4.32
N VAL A 33 8.20 8.71 -3.06
CA VAL A 33 7.54 9.97 -2.71
C VAL A 33 8.21 10.60 -1.48
N VAL A 34 8.62 11.85 -1.59
CA VAL A 34 9.30 12.52 -0.48
C VAL A 34 8.43 13.65 0.06
N VAL A 35 8.28 13.67 1.39
CA VAL A 35 7.36 14.57 2.06
C VAL A 35 8.15 15.63 2.81
N SER A 36 7.87 16.89 2.47
CA SER A 36 8.54 18.02 3.06
C SER A 36 7.52 18.97 3.66
N HIS A 37 8.03 20.03 4.27
CA HIS A 37 7.25 21.20 4.62
C HIS A 37 7.90 22.39 3.91
N THR A 38 7.21 23.53 3.92
CA THR A 38 7.76 24.76 3.36
C THR A 38 8.56 25.50 4.42
N ALA A 39 8.38 25.12 5.69
CA ALA A 39 8.87 25.88 6.82
C ALA A 39 8.46 27.35 6.66
N GLY A 40 7.26 27.55 6.10
CA GLY A 40 6.74 28.89 5.84
C GLY A 40 5.41 29.13 6.58
N SER A 41 4.74 30.20 6.16
CA SER A 41 3.47 30.61 6.74
C SER A 41 2.37 29.68 6.28
N HIS A 42 1.49 29.29 7.20
CA HIS A 42 0.39 28.39 6.88
C HIS A 42 -0.87 29.18 6.53
N CYS A 43 -1.88 28.45 6.04
CA CYS A 43 -3.06 29.07 5.47
C CYS A 43 -4.20 28.06 5.53
N ASP A 44 -5.38 28.49 6.01
CA ASP A 44 -6.46 27.57 6.32
C ASP A 44 -7.69 27.86 5.45
N THR A 45 -7.47 28.64 4.38
CA THR A 45 -8.56 29.03 3.51
C THR A 45 -8.10 28.83 2.06
N PRO A 46 -9.02 28.46 1.13
CA PRO A 46 -8.69 28.41 -0.28
C PRO A 46 -8.01 29.68 -0.79
N ALA A 47 -8.41 30.80 -0.17
CA ALA A 47 -7.99 32.13 -0.59
C ALA A 47 -6.57 32.43 -0.14
N SER A 48 -6.25 32.08 1.11
CA SER A 48 -4.94 32.38 1.67
C SER A 48 -3.93 31.35 1.18
N CYS A 49 -4.40 30.13 0.91
CA CYS A 49 -3.54 29.06 0.47
C CYS A 49 -3.10 29.25 -0.96
N ALA A 50 -4.04 29.68 -1.82
CA ALA A 50 -3.72 29.99 -3.21
C ALA A 50 -2.63 31.05 -3.27
N GLN A 51 -2.60 31.94 -2.27
CA GLN A 51 -1.62 33.00 -2.18
C GLN A 51 -0.27 32.43 -1.73
N GLN A 52 -0.31 31.44 -0.83
CA GLN A 52 0.90 30.91 -0.24
C GLN A 52 1.66 30.09 -1.29
N ALA A 53 0.91 29.31 -2.08
CA ALA A 53 1.47 28.59 -3.22
C ALA A 53 2.19 29.57 -4.15
N GLN A 54 1.51 30.67 -4.51
CA GLN A 54 2.14 31.77 -5.24
C GLN A 54 3.46 32.17 -4.60
N ASN A 55 3.46 32.37 -3.28
CA ASN A 55 4.62 32.91 -2.58
C ASN A 55 5.77 31.91 -2.61
N VAL A 56 5.44 30.63 -2.46
CA VAL A 56 6.45 29.59 -2.53
C VAL A 56 6.97 29.50 -3.96
N GLN A 57 6.07 29.37 -4.94
CA GLN A 57 6.49 29.33 -6.32
C GLN A 57 7.40 30.52 -6.61
N SER A 58 6.96 31.69 -6.16
CA SER A 58 7.66 32.95 -6.37
C SER A 58 9.09 32.85 -5.86
N TYR A 59 9.25 32.54 -4.58
CA TYR A 59 10.56 32.48 -3.97
C TYR A 59 11.46 31.53 -4.78
N HIS A 60 10.93 30.35 -5.12
CA HIS A 60 11.65 29.33 -5.86
C HIS A 60 12.11 29.85 -7.22
N VAL A 61 11.20 30.53 -7.92
CA VAL A 61 11.48 30.98 -9.27
C VAL A 61 12.35 32.24 -9.21
N ARG A 62 11.93 33.23 -8.42
CA ARG A 62 12.48 34.56 -8.52
C ARG A 62 13.78 34.66 -7.71
N ASN A 63 13.84 33.97 -6.58
CA ASN A 63 14.99 34.08 -5.72
C ASN A 63 15.99 32.95 -6.00
N LEU A 64 15.47 31.75 -6.27
CA LEU A 64 16.33 30.60 -6.47
C LEU A 64 16.57 30.37 -7.96
N GLY A 65 15.75 30.97 -8.81
CA GLY A 65 15.90 30.83 -10.25
C GLY A 65 15.58 29.42 -10.72
N TRP A 66 14.71 28.71 -10.00
CA TRP A 66 14.27 27.41 -10.48
C TRP A 66 13.24 27.62 -11.59
N CYS A 67 13.00 26.55 -12.35
CA CYS A 67 12.17 26.63 -13.54
C CYS A 67 10.71 26.79 -13.14
N ASP A 68 10.40 26.32 -11.92
CA ASP A 68 9.06 26.38 -11.36
C ASP A 68 9.20 26.29 -9.84
N VAL A 69 8.06 26.28 -9.15
CA VAL A 69 8.02 25.82 -7.78
C VAL A 69 8.62 24.42 -7.74
N GLY A 70 9.42 24.16 -6.71
CA GLY A 70 10.20 22.94 -6.64
C GLY A 70 9.31 21.69 -6.58
N TYR A 71 8.30 21.74 -5.70
CA TYR A 71 7.54 20.55 -5.35
C TYR A 71 6.57 20.20 -6.48
N ASN A 72 6.29 18.90 -6.62
CA ASN A 72 5.36 18.40 -7.63
C ASN A 72 3.92 18.75 -7.24
N PHE A 73 3.69 18.90 -5.92
CA PHE A 73 2.36 19.16 -5.36
C PHE A 73 2.53 19.78 -3.96
N LEU A 74 1.62 20.71 -3.61
CA LEU A 74 1.63 21.35 -2.31
C LEU A 74 0.29 21.08 -1.59
N ILE A 75 0.35 21.10 -0.26
CA ILE A 75 -0.82 20.81 0.56
C ILE A 75 -1.11 22.01 1.45
N GLY A 76 -2.37 22.48 1.39
CA GLY A 76 -2.83 23.58 2.24
C GLY A 76 -3.53 23.05 3.49
N GLU A 77 -3.44 23.79 4.60
CA GLU A 77 -4.21 23.46 5.78
C GLU A 77 -5.69 23.57 5.46
N ASP A 78 -6.02 24.34 4.42
CA ASP A 78 -7.37 24.45 3.88
C ASP A 78 -7.94 23.11 3.44
N GLY A 79 -7.07 22.07 3.31
CA GLY A 79 -7.51 20.73 2.96
C GLY A 79 -7.54 20.50 1.45
N LEU A 80 -6.75 21.30 0.72
CA LEU A 80 -6.71 21.23 -0.74
C LEU A 80 -5.30 20.94 -1.21
N VAL A 81 -5.21 20.12 -2.26
CA VAL A 81 -3.97 19.92 -3.00
C VAL A 81 -3.81 21.06 -4.01
N TYR A 82 -2.58 21.56 -4.10
CA TYR A 82 -2.21 22.63 -5.02
C TYR A 82 -1.16 22.12 -5.98
N GLU A 83 -1.46 22.24 -7.28
CA GLU A 83 -0.61 21.65 -8.30
C GLU A 83 0.66 22.47 -8.44
N GLY A 84 1.77 21.72 -8.55
CA GLY A 84 3.07 22.27 -8.91
C GLY A 84 3.53 21.67 -10.24
N ARG A 85 4.65 20.95 -10.21
CA ARG A 85 5.17 20.37 -11.45
C ARG A 85 4.27 19.22 -11.89
N GLY A 86 3.45 18.70 -10.98
CA GLY A 86 2.55 17.60 -11.27
C GLY A 86 3.29 16.28 -11.34
N TRP A 87 2.74 15.35 -12.12
CA TRP A 87 3.15 13.96 -12.08
C TRP A 87 4.34 13.67 -12.99
N ASN A 88 4.46 14.41 -14.09
CA ASN A 88 5.26 13.95 -15.21
C ASN A 88 6.60 14.68 -15.31
N ILE A 89 6.88 15.58 -14.36
CA ILE A 89 7.97 16.53 -14.48
C ILE A 89 8.83 16.52 -13.22
N LYS A 90 10.10 16.14 -13.37
CA LYS A 90 11.05 16.15 -12.27
C LYS A 90 11.08 17.53 -11.61
N GLY A 91 11.35 17.53 -10.29
CA GLY A 91 11.23 18.71 -9.46
C GLY A 91 12.50 18.96 -8.64
N ALA A 92 12.43 19.97 -7.77
CA ALA A 92 13.60 20.51 -7.08
C ALA A 92 13.28 20.65 -5.61
N HIS A 93 13.51 19.60 -4.84
CA HIS A 93 13.01 19.52 -3.47
C HIS A 93 13.78 18.55 -2.60
N ALA A 94 14.51 17.58 -3.20
CA ALA A 94 15.23 16.57 -2.44
C ALA A 94 16.64 16.29 -3.00
N GLY A 95 17.17 17.22 -3.81
CA GLY A 95 18.53 17.11 -4.28
C GLY A 95 18.69 16.10 -5.42
N PRO A 96 19.90 16.02 -6.03
CA PRO A 96 20.10 15.37 -7.33
C PRO A 96 20.02 13.85 -7.31
N THR A 97 20.32 13.23 -6.15
CA THR A 97 20.13 11.80 -6.00
C THR A 97 18.65 11.48 -6.19
N TRP A 98 17.78 12.27 -5.54
CA TRP A 98 16.41 11.88 -5.28
C TRP A 98 15.42 12.54 -6.25
N ASN A 99 15.74 13.77 -6.69
CA ASN A 99 14.89 14.54 -7.58
C ASN A 99 14.50 13.80 -8.85
N PRO A 100 15.33 12.90 -9.43
CA PRO A 100 14.99 12.24 -10.69
C PRO A 100 14.11 11.00 -10.59
N ILE A 101 13.84 10.52 -9.36
CA ILE A 101 13.16 9.24 -9.17
C ILE A 101 12.15 9.35 -8.04
N SER A 102 11.55 10.53 -7.87
CA SER A 102 10.64 10.75 -6.75
C SER A 102 9.64 11.84 -7.07
N ILE A 103 8.47 11.76 -6.41
CA ILE A 103 7.50 12.85 -6.34
C ILE A 103 7.66 13.51 -4.98
N GLY A 104 7.78 14.85 -4.97
CA GLY A 104 7.97 15.63 -3.76
C GLY A 104 6.71 16.39 -3.36
N ILE A 105 6.20 16.08 -2.16
CA ILE A 105 4.99 16.66 -1.61
C ILE A 105 5.36 17.54 -0.44
N SER A 106 5.15 18.85 -0.54
CA SER A 106 5.38 19.72 0.61
C SER A 106 4.05 20.15 1.22
N PHE A 107 4.05 20.31 2.54
CA PHE A 107 2.93 20.88 3.26
C PHE A 107 3.24 22.35 3.51
N MET A 108 2.32 23.22 3.11
CA MET A 108 2.50 24.65 3.29
C MET A 108 2.38 25.00 4.77
N GLY A 109 3.54 25.29 5.39
CA GLY A 109 3.60 25.65 6.79
C GLY A 109 4.95 25.25 7.40
N ASN A 110 4.98 25.14 8.73
CA ASN A 110 6.13 24.66 9.49
C ASN A 110 5.62 23.72 10.58
N TYR A 111 5.82 22.41 10.39
CA TYR A 111 5.23 21.40 11.23
C TYR A 111 6.26 20.85 12.21
N MET A 112 7.03 21.77 12.81
CA MET A 112 7.98 21.45 13.86
C MET A 112 7.29 21.41 15.22
N ASN A 113 6.40 22.39 15.47
CA ASN A 113 5.67 22.48 16.72
C ASN A 113 4.19 22.21 16.51
N ARG A 114 3.62 22.79 15.44
CA ARG A 114 2.23 22.57 15.09
C ARG A 114 2.10 21.21 14.40
N VAL A 115 0.89 20.65 14.45
CA VAL A 115 0.57 19.48 13.65
C VAL A 115 -0.26 19.95 12.46
N PRO A 116 -0.25 19.19 11.34
CA PRO A 116 -1.21 19.38 10.28
C PRO A 116 -2.59 18.86 10.66
N PRO A 117 -3.66 19.56 10.25
CA PRO A 117 -5.01 19.08 10.50
C PRO A 117 -5.35 17.88 9.61
N PRO A 118 -6.26 16.98 10.04
CA PRO A 118 -6.55 15.75 9.31
C PRO A 118 -6.93 15.93 7.84
N ARG A 119 -7.59 17.05 7.52
CA ARG A 119 -8.02 17.33 6.14
C ARG A 119 -6.80 17.44 5.23
N ALA A 120 -5.70 17.98 5.78
CA ALA A 120 -4.42 18.00 5.09
C ALA A 120 -3.93 16.58 4.86
N LEU A 121 -3.84 15.82 5.96
CA LEU A 121 -3.32 14.47 5.91
C LEU A 121 -4.16 13.64 4.95
N ARG A 122 -5.45 13.95 4.87
CA ARG A 122 -6.37 13.21 4.02
C ARG A 122 -6.08 13.48 2.55
N ALA A 123 -5.88 14.76 2.25
CA ALA A 123 -5.62 15.21 0.90
C ALA A 123 -4.38 14.49 0.36
N ALA A 124 -3.22 14.75 1.01
CA ALA A 124 -1.96 14.11 0.69
C ALA A 124 -2.17 12.63 0.41
N GLN A 125 -2.76 11.91 1.37
CA GLN A 125 -2.87 10.47 1.27
C GLN A 125 -3.70 10.09 0.05
N ASN A 126 -4.74 10.88 -0.24
CA ASN A 126 -5.64 10.61 -1.34
C ASN A 126 -4.93 10.84 -2.68
N LEU A 127 -4.28 12.00 -2.78
CA LEU A 127 -3.39 12.31 -3.89
C LEU A 127 -2.57 11.09 -4.29
N LEU A 128 -1.94 10.43 -3.30
CA LEU A 128 -0.97 9.39 -3.58
C LEU A 128 -1.64 8.21 -4.28
N ALA A 129 -2.86 7.87 -3.84
CA ALA A 129 -3.62 6.80 -4.45
C ALA A 129 -4.10 7.20 -5.85
N CYS A 130 -4.27 8.50 -6.08
CA CYS A 130 -4.55 8.99 -7.41
C CYS A 130 -3.34 8.72 -8.30
N GLY A 131 -2.14 9.02 -7.79
CA GLY A 131 -0.91 8.74 -8.51
C GLY A 131 -0.87 7.29 -8.96
N VAL A 132 -1.26 6.40 -8.05
CA VAL A 132 -1.28 4.97 -8.32
C VAL A 132 -2.34 4.69 -9.39
N ALA A 133 -3.55 5.17 -9.15
CA ALA A 133 -4.65 5.03 -10.09
C ALA A 133 -4.17 5.38 -11.50
N LEU A 134 -3.57 6.57 -11.64
CA LEU A 134 -3.17 7.10 -12.93
C LEU A 134 -1.99 6.33 -13.52
N GLY A 135 -1.22 5.65 -12.67
CA GLY A 135 -0.01 4.96 -13.10
C GLY A 135 1.21 5.87 -13.05
N ALA A 136 1.08 6.99 -12.34
CA ALA A 136 2.18 7.91 -12.13
C ALA A 136 3.10 7.38 -11.02
N LEU A 137 2.50 6.82 -9.97
CA LEU A 137 3.22 6.10 -8.93
C LEU A 137 2.97 4.60 -9.08
N ARG A 138 3.95 3.83 -8.58
CA ARG A 138 3.87 2.38 -8.51
C ARG A 138 2.89 1.97 -7.42
N SER A 139 2.22 0.83 -7.61
CA SER A 139 1.31 0.30 -6.61
C SER A 139 2.06 0.06 -5.30
N ASN A 140 3.32 -0.37 -5.42
CA ASN A 140 4.20 -0.62 -4.29
C ASN A 140 5.10 0.59 -4.03
N TYR A 141 4.55 1.80 -4.18
CA TYR A 141 5.34 3.01 -4.04
C TYR A 141 5.80 3.12 -2.59
N GLU A 142 6.67 4.11 -2.33
CA GLU A 142 7.29 4.25 -1.04
C GLU A 142 7.38 5.72 -0.68
N VAL A 143 6.93 6.03 0.53
CA VAL A 143 6.95 7.38 1.04
C VAL A 143 8.19 7.55 1.93
N LYS A 144 8.89 8.67 1.74
CA LYS A 144 10.08 8.97 2.52
C LYS A 144 9.91 10.36 3.12
N GLY A 145 10.47 10.55 4.32
CA GLY A 145 10.63 11.88 4.89
C GLY A 145 11.73 12.63 4.15
N HIS A 146 11.62 13.95 4.11
CA HIS A 146 12.66 14.78 3.53
C HIS A 146 13.96 14.62 4.34
N ARG A 147 13.83 14.44 5.66
CA ARG A 147 14.96 14.27 6.55
C ARG A 147 15.62 12.91 6.35
N ASP A 148 14.90 12.00 5.69
CA ASP A 148 15.40 10.65 5.46
C ASP A 148 16.40 10.63 4.31
N VAL A 149 16.39 11.64 3.45
CA VAL A 149 17.22 11.61 2.25
C VAL A 149 18.04 12.89 2.11
N GLN A 150 17.94 13.81 3.08
CA GLN A 150 18.84 14.95 3.15
C GLN A 150 19.06 15.29 4.61
N PRO A 151 20.02 16.19 4.94
CA PRO A 151 20.16 16.68 6.29
C PRO A 151 19.25 17.89 6.52
N THR A 152 18.02 17.62 6.96
CA THR A 152 17.05 18.68 7.15
C THR A 152 16.07 18.28 8.25
N LEU A 153 15.51 19.31 8.88
CA LEU A 153 14.43 19.18 9.83
C LEU A 153 13.17 18.79 9.06
N SER A 154 13.04 19.37 7.86
CA SER A 154 11.91 19.07 6.98
C SER A 154 11.60 17.58 6.93
N PRO A 155 10.31 17.16 7.04
CA PRO A 155 9.15 18.05 6.96
C PRO A 155 8.72 18.65 8.29
N GLY A 156 9.57 18.55 9.32
CA GLY A 156 9.22 18.96 10.67
C GLY A 156 8.89 17.75 11.52
N ASP A 157 9.20 17.85 12.83
CA ASP A 157 9.20 16.70 13.71
C ASP A 157 7.79 16.14 13.86
N ARG A 158 6.84 17.04 14.14
CA ARG A 158 5.46 16.67 14.39
C ARG A 158 4.94 15.91 13.17
N LEU A 159 5.15 16.51 12.00
CA LEU A 159 4.71 15.96 10.73
C LEU A 159 5.52 14.70 10.43
N TYR A 160 6.84 14.77 10.65
CA TYR A 160 7.70 13.62 10.46
C TYR A 160 7.10 12.45 11.23
N GLU A 161 6.92 12.65 12.54
CA GLU A 161 6.38 11.64 13.42
C GLU A 161 5.13 11.01 12.82
N ILE A 162 4.25 11.83 12.24
CA ILE A 162 2.99 11.37 11.69
C ILE A 162 3.24 10.50 10.46
N ILE A 163 4.07 10.98 9.54
CA ILE A 163 4.15 10.33 8.24
C ILE A 163 4.79 8.96 8.41
N GLN A 164 5.55 8.78 9.48
CA GLN A 164 6.13 7.47 9.81
C GLN A 164 5.02 6.41 9.93
N THR A 165 3.82 6.82 10.36
CA THR A 165 2.77 5.88 10.67
C THR A 165 2.08 5.37 9.40
N TRP A 166 2.46 5.89 8.23
CA TRP A 166 1.73 5.60 7.00
C TRP A 166 2.14 4.23 6.49
N SER A 167 1.26 3.62 5.70
CA SER A 167 1.42 2.24 5.26
C SER A 167 2.60 2.09 4.29
N HIS A 168 2.90 3.16 3.53
CA HIS A 168 3.88 3.09 2.46
C HIS A 168 5.22 3.67 2.90
N TYR A 169 5.32 4.08 4.16
CA TYR A 169 6.53 4.71 4.68
C TYR A 169 7.60 3.65 4.96
N ARG A 170 8.80 3.89 4.41
CA ARG A 170 9.97 3.05 4.63
C ARG A 170 11.15 3.95 4.99
N ALA A 171 11.64 3.86 6.23
CA ALA A 171 12.68 4.73 6.73
C ALA A 171 13.88 4.73 5.78
N GLU B 1 -12.01 10.29 13.27
CA GLU B 1 -10.64 10.35 13.85
C GLU B 1 -9.62 9.88 12.83
N ASP B 2 -9.89 8.72 12.19
CA ASP B 2 -8.96 8.06 11.30
C ASP B 2 -9.63 7.75 9.95
N PRO B 3 -9.63 8.69 8.97
CA PRO B 3 -10.19 8.48 7.64
C PRO B 3 -9.16 8.28 6.52
N PRO B 4 -9.08 7.09 5.87
CA PRO B 4 -8.28 6.89 4.67
C PRO B 4 -9.06 6.56 3.40
N ALA B 5 -10.10 7.34 3.08
CA ALA B 5 -10.94 7.09 1.91
C ALA B 5 -10.79 8.20 0.88
N CYS B 6 -11.48 8.04 -0.26
CA CYS B 6 -11.40 8.98 -1.36
C CYS B 6 -12.05 10.32 -0.98
N GLY B 7 -11.81 11.31 -1.84
CA GLY B 7 -12.58 12.55 -1.83
C GLY B 7 -12.22 13.48 -0.67
N SER B 8 -11.12 13.19 0.06
CA SER B 8 -10.74 13.96 1.23
C SER B 8 -12.00 14.49 1.93
N ILE B 9 -12.87 13.55 2.31
CA ILE B 9 -14.20 13.86 2.83
C ILE B 9 -14.12 14.10 4.33
N VAL B 10 -14.70 15.22 4.77
CA VAL B 10 -14.69 15.61 6.17
C VAL B 10 -15.62 14.68 6.93
N PRO B 11 -15.13 13.90 7.94
CA PRO B 11 -15.96 12.89 8.59
C PRO B 11 -17.02 13.51 9.50
N ARG B 12 -18.09 12.77 9.75
CA ARG B 12 -19.16 13.23 10.62
C ARG B 12 -18.54 13.93 11.82
N ARG B 13 -17.59 13.24 12.46
CA ARG B 13 -17.02 13.67 13.73
C ARG B 13 -16.21 14.95 13.58
N GLU B 14 -15.49 15.11 12.45
CA GLU B 14 -14.67 16.30 12.26
C GLU B 14 -15.56 17.54 12.22
N TRP B 15 -16.81 17.39 11.74
CA TRP B 15 -17.74 18.53 11.73
C TRP B 15 -18.75 18.46 12.88
N ARG B 16 -18.47 17.66 13.90
CA ARG B 16 -19.14 17.69 15.20
C ARG B 16 -20.58 17.20 15.10
N ALA B 17 -20.84 16.28 14.16
CA ALA B 17 -22.19 15.81 13.87
C ALA B 17 -22.78 15.09 15.08
N LEU B 18 -24.11 15.14 15.16
CA LEU B 18 -24.90 14.26 16.00
C LEU B 18 -25.00 12.92 15.29
N ALA B 19 -25.17 11.84 16.06
CA ALA B 19 -25.16 10.50 15.50
C ALA B 19 -26.45 10.26 14.73
N SER B 20 -26.36 9.51 13.62
CA SER B 20 -27.54 9.10 12.87
C SER B 20 -28.36 8.13 13.72
N GLU B 21 -29.65 8.06 13.42
CA GLU B 21 -30.53 7.03 13.94
C GLU B 21 -31.11 6.25 12.76
N CYS B 22 -30.60 6.51 11.54
CA CYS B 22 -31.23 6.00 10.35
C CYS B 22 -30.86 4.54 10.19
N ARG B 23 -31.78 3.76 9.62
CA ARG B 23 -31.65 2.31 9.56
C ARG B 23 -31.90 1.81 8.13
N GLU B 24 -32.89 2.39 7.45
CA GLU B 24 -33.16 2.04 6.06
C GLU B 24 -31.88 2.24 5.24
N ARG B 25 -31.64 1.31 4.31
CA ARG B 25 -30.42 1.34 3.52
C ARG B 25 -30.75 1.24 2.04
N LEU B 26 -29.81 1.71 1.21
CA LEU B 26 -29.95 1.74 -0.23
C LEU B 26 -29.52 0.40 -0.80
N THR B 27 -30.30 -0.09 -1.79
CA THR B 27 -29.91 -1.24 -2.60
C THR B 27 -28.95 -0.78 -3.69
N ARG B 28 -27.65 -1.02 -3.47
CA ARG B 28 -26.59 -0.69 -4.40
C ARG B 28 -26.49 -1.65 -5.60
N PRO B 29 -25.65 -1.35 -6.63
CA PRO B 29 -25.21 0.00 -6.93
C PRO B 29 -26.35 0.94 -7.32
N VAL B 30 -26.32 2.16 -6.79
CA VAL B 30 -27.35 3.16 -7.02
C VAL B 30 -27.16 3.76 -8.41
N ARG B 31 -28.27 4.09 -9.09
CA ARG B 31 -28.19 4.64 -10.44
C ARG B 31 -28.24 6.16 -10.44
N TYR B 32 -29.05 6.74 -9.56
CA TYR B 32 -29.36 8.15 -9.65
C TYR B 32 -28.57 8.93 -8.60
N VAL B 33 -28.16 10.14 -8.99
CA VAL B 33 -27.53 11.09 -8.09
C VAL B 33 -28.27 12.42 -8.21
N VAL B 34 -28.75 12.95 -7.08
CA VAL B 34 -29.59 14.13 -7.09
C VAL B 34 -28.79 15.30 -6.50
N VAL B 35 -28.72 16.39 -7.28
CA VAL B 35 -27.98 17.57 -6.90
C VAL B 35 -28.97 18.61 -6.37
N SER B 36 -28.67 19.12 -5.17
CA SER B 36 -29.49 20.10 -4.52
C SER B 36 -28.64 21.24 -3.97
N HIS B 37 -29.33 22.24 -3.42
CA HIS B 37 -28.68 23.23 -2.59
C HIS B 37 -29.45 23.28 -1.29
N THR B 38 -28.74 23.62 -0.20
CA THR B 38 -29.33 23.73 1.12
C THR B 38 -30.39 24.85 1.12
N ALA B 39 -30.24 25.81 0.19
CA ALA B 39 -30.93 27.08 0.26
C ALA B 39 -30.61 27.76 1.59
N GLY B 40 -29.43 27.45 2.13
CA GLY B 40 -29.04 27.92 3.45
C GLY B 40 -27.89 28.91 3.32
N SER B 41 -27.24 29.21 4.45
CA SER B 41 -26.10 30.11 4.45
C SER B 41 -24.94 29.47 3.69
N HIS B 42 -24.29 30.28 2.85
CA HIS B 42 -23.11 29.88 2.10
C HIS B 42 -21.92 29.90 3.05
N CYS B 43 -20.88 29.14 2.71
CA CYS B 43 -19.69 29.08 3.55
C CYS B 43 -18.46 28.85 2.65
N ASP B 44 -17.39 29.65 2.85
CA ASP B 44 -16.25 29.62 1.96
C ASP B 44 -15.04 28.92 2.60
N THR B 45 -15.05 28.72 3.92
CA THR B 45 -13.91 28.08 4.58
C THR B 45 -14.38 26.78 5.24
N PRO B 46 -13.45 25.96 5.78
CA PRO B 46 -13.82 24.72 6.44
C PRO B 46 -14.30 24.91 7.88
N ALA B 47 -13.88 26.01 8.52
CA ALA B 47 -14.41 26.37 9.82
C ALA B 47 -15.90 26.72 9.65
N SER B 48 -16.17 27.68 8.76
CA SER B 48 -17.53 28.12 8.46
C SER B 48 -18.39 26.96 7.99
N CYS B 49 -17.85 26.08 7.13
CA CYS B 49 -18.62 25.06 6.44
C CYS B 49 -18.93 23.87 7.34
N ALA B 50 -18.06 23.59 8.30
CA ALA B 50 -18.35 22.55 9.28
C ALA B 50 -19.51 23.00 10.16
N GLN B 51 -19.42 24.23 10.65
CA GLN B 51 -20.51 24.85 11.41
C GLN B 51 -21.79 24.81 10.59
N GLN B 52 -21.69 25.06 9.28
CA GLN B 52 -22.85 25.15 8.43
C GLN B 52 -23.47 23.76 8.24
N ALA B 53 -22.59 22.74 8.18
CA ALA B 53 -23.03 21.36 8.14
C ALA B 53 -23.81 21.02 9.41
N GLN B 54 -23.31 21.50 10.56
CA GLN B 54 -23.97 21.28 11.84
C GLN B 54 -25.36 21.90 11.81
N ASN B 55 -25.42 23.14 11.28
CA ASN B 55 -26.66 23.88 11.21
C ASN B 55 -27.71 23.13 10.40
N VAL B 56 -27.33 22.57 9.25
CA VAL B 56 -28.33 21.92 8.40
C VAL B 56 -28.86 20.69 9.13
N GLN B 57 -27.95 19.92 9.74
CA GLN B 57 -28.32 18.70 10.45
C GLN B 57 -29.25 19.03 11.59
N SER B 58 -28.80 19.93 12.49
CA SER B 58 -29.58 20.36 13.64
C SER B 58 -31.03 20.64 13.25
N TYR B 59 -31.22 21.44 12.19
CA TYR B 59 -32.56 21.78 11.74
C TYR B 59 -33.34 20.53 11.36
N HIS B 60 -32.71 19.60 10.62
CA HIS B 60 -33.41 18.40 10.17
C HIS B 60 -33.76 17.48 11.33
N VAL B 61 -32.96 17.54 12.39
CA VAL B 61 -33.01 16.58 13.49
C VAL B 61 -33.84 17.16 14.63
N ARG B 62 -33.43 18.32 15.15
CA ARG B 62 -34.12 18.96 16.25
C ARG B 62 -35.51 19.44 15.80
N ASN B 63 -35.60 19.94 14.56
CA ASN B 63 -36.77 20.67 14.14
C ASN B 63 -37.68 19.76 13.30
N LEU B 64 -37.14 19.06 12.29
CA LEU B 64 -37.98 18.26 11.42
C LEU B 64 -38.13 16.82 11.92
N GLY B 65 -37.43 16.47 13.01
CA GLY B 65 -37.59 15.18 13.66
C GLY B 65 -36.88 14.04 12.95
N TRP B 66 -36.05 14.38 11.96
CA TRP B 66 -35.39 13.40 11.11
C TRP B 66 -34.34 12.63 11.90
N CYS B 67 -33.98 11.43 11.43
CA CYS B 67 -32.97 10.60 12.09
C CYS B 67 -31.56 11.17 11.94
N ASP B 68 -31.34 12.03 10.94
CA ASP B 68 -30.03 12.60 10.60
C ASP B 68 -30.24 13.70 9.58
N VAL B 69 -29.20 14.49 9.31
CA VAL B 69 -29.23 15.38 8.17
C VAL B 69 -29.69 14.57 6.96
N GLY B 70 -30.36 15.22 5.99
CA GLY B 70 -31.15 14.52 5.00
C GLY B 70 -30.32 14.09 3.79
N TYR B 71 -29.20 14.79 3.60
CA TYR B 71 -28.36 14.63 2.43
C TYR B 71 -27.37 13.49 2.65
N ASN B 72 -27.17 12.68 1.60
CA ASN B 72 -26.12 11.68 1.59
C ASN B 72 -24.76 12.37 1.77
N PHE B 73 -24.56 13.51 1.10
CA PHE B 73 -23.32 14.27 1.23
C PHE B 73 -23.54 15.75 0.97
N LEU B 74 -22.67 16.58 1.58
CA LEU B 74 -22.73 18.03 1.51
C LEU B 74 -21.41 18.60 0.96
N ILE B 75 -21.53 19.58 0.06
CA ILE B 75 -20.37 20.15 -0.60
C ILE B 75 -20.27 21.62 -0.21
N GLY B 76 -19.09 22.06 0.25
CA GLY B 76 -18.91 23.42 0.72
C GLY B 76 -18.10 24.24 -0.28
N GLU B 77 -18.23 25.58 -0.21
CA GLU B 77 -17.48 26.47 -1.08
C GLU B 77 -16.03 26.55 -0.60
N ASP B 78 -15.72 25.86 0.50
CA ASP B 78 -14.34 25.60 0.90
C ASP B 78 -13.70 24.57 -0.04
N GLY B 79 -14.53 23.89 -0.85
CA GLY B 79 -14.04 22.92 -1.82
C GLY B 79 -14.04 21.49 -1.27
N LEU B 80 -14.37 21.33 0.02
CA LEU B 80 -14.41 20.02 0.67
C LEU B 80 -15.79 19.40 0.57
N VAL B 81 -15.84 18.06 0.67
CA VAL B 81 -17.08 17.30 0.77
C VAL B 81 -17.32 16.94 2.24
N TYR B 82 -18.61 16.99 2.64
CA TYR B 82 -19.02 16.73 4.01
C TYR B 82 -19.96 15.53 4.05
N GLU B 83 -19.51 14.51 4.79
CA GLU B 83 -20.25 13.28 4.98
C GLU B 83 -21.52 13.60 5.76
N GLY B 84 -22.62 13.07 5.24
CA GLY B 84 -23.89 13.04 5.94
C GLY B 84 -24.29 11.60 6.23
N ARG B 85 -25.27 11.09 5.46
CA ARG B 85 -25.74 9.74 5.64
C ARG B 85 -24.79 8.74 4.96
N GLY B 86 -24.07 9.21 3.92
CA GLY B 86 -23.07 8.38 3.27
C GLY B 86 -23.68 7.51 2.18
N TRP B 87 -22.98 6.41 1.85
CA TRP B 87 -23.25 5.69 0.62
C TRP B 87 -24.37 4.66 0.77
N ASN B 88 -24.69 4.27 2.01
CA ASN B 88 -25.48 3.07 2.26
C ASN B 88 -26.88 3.42 2.76
N ILE B 89 -26.99 4.49 3.55
CA ILE B 89 -28.24 4.86 4.21
C ILE B 89 -29.12 5.66 3.25
N LYS B 90 -30.38 5.26 3.15
CA LYS B 90 -31.39 5.97 2.38
C LYS B 90 -31.48 7.40 2.89
N GLY B 91 -31.34 8.36 1.97
CA GLY B 91 -31.41 9.77 2.30
C GLY B 91 -32.86 10.27 2.30
N ALA B 92 -33.01 11.52 2.72
CA ALA B 92 -34.27 12.23 2.64
C ALA B 92 -34.01 13.59 2.01
N HIS B 93 -34.16 13.66 0.68
CA HIS B 93 -33.76 14.83 -0.07
C HIS B 93 -34.60 15.03 -1.33
N ALA B 94 -35.25 13.97 -1.83
CA ALA B 94 -35.88 13.99 -3.14
C ALA B 94 -37.30 13.43 -3.11
N GLY B 95 -37.90 13.33 -1.92
CA GLY B 95 -39.21 12.74 -1.78
C GLY B 95 -39.16 11.21 -1.88
N PRO B 96 -40.32 10.53 -1.81
CA PRO B 96 -40.37 9.09 -1.63
C PRO B 96 -40.05 8.27 -2.88
N THR B 97 -40.29 8.86 -4.06
CA THR B 97 -39.99 8.21 -5.34
C THR B 97 -38.47 8.07 -5.49
N TRP B 98 -37.75 9.18 -5.22
CA TRP B 98 -36.36 9.33 -5.63
C TRP B 98 -35.40 9.22 -4.44
N ASN B 99 -35.91 9.14 -3.20
CA ASN B 99 -35.05 8.96 -2.04
C ASN B 99 -34.37 7.59 -2.07
N PRO B 100 -35.11 6.49 -2.32
CA PRO B 100 -34.54 5.14 -2.19
C PRO B 100 -33.64 4.73 -3.35
N ILE B 101 -33.84 5.30 -4.54
CA ILE B 101 -33.19 4.83 -5.75
C ILE B 101 -32.09 5.81 -6.18
N SER B 102 -31.62 6.66 -5.26
CA SER B 102 -30.69 7.71 -5.64
C SER B 102 -29.85 8.17 -4.46
N ILE B 103 -28.72 8.81 -4.76
CA ILE B 103 -27.93 9.47 -3.75
C ILE B 103 -28.03 10.98 -3.99
N GLY B 104 -28.09 11.70 -2.87
CA GLY B 104 -28.36 13.12 -2.88
C GLY B 104 -27.16 13.88 -2.34
N ILE B 105 -26.68 14.83 -3.14
CA ILE B 105 -25.57 15.67 -2.76
C ILE B 105 -26.09 17.11 -2.76
N SER B 106 -25.64 17.90 -1.79
CA SER B 106 -26.20 19.23 -1.60
C SER B 106 -25.10 20.26 -1.44
N PHE B 107 -25.12 21.25 -2.34
CA PHE B 107 -24.24 22.39 -2.26
C PHE B 107 -24.73 23.35 -1.19
N MET B 108 -23.87 23.65 -0.23
CA MET B 108 -24.17 24.50 0.90
C MET B 108 -24.25 25.95 0.45
N GLY B 109 -25.49 26.47 0.40
CA GLY B 109 -25.78 27.81 -0.08
C GLY B 109 -26.94 27.82 -1.07
N ASN B 110 -27.39 29.03 -1.41
CA ASN B 110 -28.40 29.28 -2.44
C ASN B 110 -27.70 29.74 -3.71
N TYR B 111 -27.96 29.03 -4.82
CA TYR B 111 -27.30 29.27 -6.10
C TYR B 111 -28.31 29.66 -7.16
N MET B 112 -29.33 30.41 -6.75
CA MET B 112 -30.29 30.96 -7.69
C MET B 112 -29.62 32.08 -8.49
N ASN B 113 -28.91 32.96 -7.79
CA ASN B 113 -28.25 34.10 -8.40
C ASN B 113 -26.76 34.09 -8.06
N ARG B 114 -26.27 32.95 -7.56
CA ARG B 114 -24.86 32.75 -7.33
C ARG B 114 -24.44 31.48 -8.06
N VAL B 115 -23.15 31.40 -8.40
CA VAL B 115 -22.58 30.18 -8.92
C VAL B 115 -21.54 29.71 -7.91
N PRO B 116 -21.42 28.38 -7.65
CA PRO B 116 -20.39 27.84 -6.78
C PRO B 116 -19.02 27.68 -7.43
N PRO B 117 -17.92 27.79 -6.66
CA PRO B 117 -16.57 27.79 -7.21
C PRO B 117 -16.18 26.48 -7.86
N PRO B 118 -15.21 26.50 -8.82
CA PRO B 118 -14.70 25.28 -9.44
C PRO B 118 -14.29 24.18 -8.45
N ARG B 119 -13.71 24.57 -7.31
CA ARG B 119 -13.24 23.59 -6.33
C ARG B 119 -14.41 22.75 -5.85
N ALA B 120 -15.51 23.42 -5.51
CA ALA B 120 -16.73 22.76 -5.07
C ALA B 120 -17.26 21.87 -6.19
N LEU B 121 -17.20 22.35 -7.43
CA LEU B 121 -17.64 21.56 -8.57
C LEU B 121 -16.77 20.31 -8.69
N ARG B 122 -15.45 20.49 -8.53
CA ARG B 122 -14.51 19.38 -8.62
C ARG B 122 -14.81 18.38 -7.52
N ALA B 123 -14.80 18.87 -6.26
CA ALA B 123 -15.08 18.07 -5.08
C ALA B 123 -16.26 17.14 -5.33
N ALA B 124 -17.23 17.65 -6.11
CA ALA B 124 -18.47 16.94 -6.41
C ALA B 124 -18.21 15.84 -7.44
N GLN B 125 -17.61 16.21 -8.57
CA GLN B 125 -17.40 15.26 -9.65
C GLN B 125 -16.46 14.15 -9.18
N ASN B 126 -15.48 14.52 -8.34
CA ASN B 126 -14.58 13.59 -7.67
C ASN B 126 -15.39 12.63 -6.81
N LEU B 127 -16.31 13.19 -6.02
CA LEU B 127 -17.15 12.42 -5.12
C LEU B 127 -17.82 11.28 -5.89
N LEU B 128 -18.31 11.59 -7.10
CA LEU B 128 -19.10 10.65 -7.89
C LEU B 128 -18.24 9.48 -8.37
N ALA B 129 -17.05 9.79 -8.89
CA ALA B 129 -16.12 8.75 -9.31
C ALA B 129 -15.87 7.81 -8.14
N CYS B 130 -15.42 8.40 -7.01
CA CYS B 130 -15.11 7.66 -5.79
C CYS B 130 -16.24 6.70 -5.42
N GLY B 131 -17.48 7.10 -5.71
CA GLY B 131 -18.64 6.26 -5.43
C GLY B 131 -18.73 5.07 -6.39
N VAL B 132 -18.38 5.30 -7.67
CA VAL B 132 -18.40 4.24 -8.67
C VAL B 132 -17.27 3.26 -8.34
N ALA B 133 -16.10 3.81 -8.00
CA ALA B 133 -14.99 3.03 -7.48
C ALA B 133 -15.51 2.05 -6.43
N LEU B 134 -16.10 2.57 -5.36
CA LEU B 134 -16.55 1.76 -4.24
C LEU B 134 -17.82 0.99 -4.61
N GLY B 135 -18.29 1.10 -5.86
CA GLY B 135 -19.47 0.38 -6.31
C GLY B 135 -20.73 0.83 -5.57
N ALA B 136 -20.66 1.99 -4.89
CA ALA B 136 -21.82 2.66 -4.32
C ALA B 136 -22.67 3.21 -5.46
N LEU B 137 -21.97 3.72 -6.47
CA LEU B 137 -22.60 4.23 -7.69
C LEU B 137 -22.35 3.25 -8.83
N ARG B 138 -23.45 2.95 -9.55
CA ARG B 138 -23.41 2.30 -10.84
C ARG B 138 -22.44 3.07 -11.76
N SER B 139 -21.69 2.33 -12.57
CA SER B 139 -20.69 2.93 -13.44
C SER B 139 -21.35 3.95 -14.38
N ASN B 140 -22.53 3.59 -14.89
CA ASN B 140 -23.25 4.43 -15.83
C ASN B 140 -24.29 5.27 -15.08
N TYR B 141 -23.89 5.82 -13.93
CA TYR B 141 -24.80 6.53 -13.04
C TYR B 141 -25.29 7.79 -13.75
N GLU B 142 -26.48 8.26 -13.36
CA GLU B 142 -27.11 9.41 -14.00
C GLU B 142 -27.30 10.52 -12.96
N VAL B 143 -27.18 11.77 -13.41
CA VAL B 143 -27.28 12.91 -12.51
C VAL B 143 -28.54 13.69 -12.85
N LYS B 144 -29.28 14.09 -11.81
CA LYS B 144 -30.52 14.83 -11.94
C LYS B 144 -30.42 16.09 -11.07
N GLY B 145 -31.07 17.17 -11.55
CA GLY B 145 -31.30 18.34 -10.73
C GLY B 145 -32.51 18.10 -9.83
N HIS B 146 -32.39 18.52 -8.56
CA HIS B 146 -33.48 18.41 -7.60
C HIS B 146 -34.82 18.71 -8.28
N ARG B 147 -34.82 19.75 -9.13
CA ARG B 147 -36.03 20.26 -9.76
C ARG B 147 -36.46 19.39 -10.96
N ASP B 148 -35.67 18.37 -11.31
CA ASP B 148 -36.09 17.41 -12.32
C ASP B 148 -36.86 16.26 -11.71
N VAL B 149 -36.88 16.18 -10.38
CA VAL B 149 -37.54 15.08 -9.68
C VAL B 149 -38.68 15.61 -8.80
N GLN B 150 -38.56 16.86 -8.34
CA GLN B 150 -39.54 17.49 -7.46
C GLN B 150 -39.77 18.94 -7.89
N PRO B 151 -40.98 19.51 -7.68
CA PRO B 151 -41.20 20.94 -7.89
C PRO B 151 -40.52 21.78 -6.81
N THR B 152 -39.28 22.19 -7.10
CA THR B 152 -38.51 23.08 -6.26
C THR B 152 -37.62 23.95 -7.14
N LEU B 153 -37.00 24.96 -6.52
CA LEU B 153 -36.06 25.83 -7.21
C LEU B 153 -34.65 25.29 -7.07
N SER B 154 -34.46 24.44 -6.05
CA SER B 154 -33.22 23.70 -5.83
C SER B 154 -32.78 22.94 -7.07
N PRO B 155 -31.50 23.04 -7.52
CA PRO B 155 -30.40 23.60 -6.73
C PRO B 155 -30.04 25.05 -6.99
N GLY B 156 -30.96 25.82 -7.59
CA GLY B 156 -30.68 27.19 -8.01
C GLY B 156 -30.45 27.27 -9.51
N ASP B 157 -30.86 28.39 -10.12
CA ASP B 157 -30.84 28.57 -11.56
C ASP B 157 -29.42 28.46 -12.10
N ARG B 158 -28.49 29.16 -11.42
CA ARG B 158 -27.08 29.22 -11.80
C ARG B 158 -26.42 27.85 -11.67
N LEU B 159 -26.58 27.20 -10.51
CA LEU B 159 -25.98 25.89 -10.29
C LEU B 159 -26.58 24.86 -11.23
N TYR B 160 -27.88 24.99 -11.53
CA TYR B 160 -28.58 24.04 -12.37
C TYR B 160 -28.04 24.06 -13.80
N GLU B 161 -27.64 25.25 -14.29
CA GLU B 161 -27.13 25.35 -15.65
C GLU B 161 -25.74 24.68 -15.74
N ILE B 162 -24.95 24.78 -14.66
CA ILE B 162 -23.65 24.13 -14.59
C ILE B 162 -23.82 22.63 -14.85
N ILE B 163 -24.72 21.98 -14.12
CA ILE B 163 -24.75 20.54 -14.01
C ILE B 163 -25.38 19.92 -15.25
N GLN B 164 -26.06 20.74 -16.06
CA GLN B 164 -26.65 20.27 -17.30
C GLN B 164 -25.54 19.91 -18.30
N THR B 165 -24.36 20.49 -18.10
CA THR B 165 -23.23 20.32 -19.02
C THR B 165 -22.45 19.04 -18.70
N TRP B 166 -22.69 18.46 -17.52
CA TRP B 166 -21.93 17.30 -17.06
C TRP B 166 -22.24 16.10 -17.96
N SER B 167 -21.20 15.31 -18.23
CA SER B 167 -21.29 14.17 -19.12
C SER B 167 -22.37 13.21 -18.64
N HIS B 168 -22.49 13.06 -17.32
CA HIS B 168 -23.38 12.07 -16.72
C HIS B 168 -24.77 12.64 -16.43
N TYR B 169 -25.06 13.87 -16.87
CA TYR B 169 -26.34 14.50 -16.55
C TYR B 169 -27.43 14.01 -17.50
N ARG B 170 -28.61 13.69 -16.94
CA ARG B 170 -29.80 13.37 -17.71
C ARG B 170 -30.99 14.15 -17.16
N ALA B 171 -31.81 14.73 -18.04
CA ALA B 171 -32.90 15.61 -17.64
C ALA B 171 -34.14 14.83 -17.23
N GLU C 1 46.50 1.28 5.37
CA GLU C 1 46.52 2.07 4.11
C GLU C 1 47.26 1.30 3.01
N ASP C 2 47.03 -0.02 2.93
CA ASP C 2 47.63 -0.87 1.92
C ASP C 2 46.55 -1.40 0.99
N PRO C 3 46.72 -1.28 -0.36
CA PRO C 3 45.71 -1.74 -1.31
C PRO C 3 45.36 -3.22 -1.19
N PRO C 4 44.17 -3.58 -0.65
CA PRO C 4 43.70 -4.95 -0.70
C PRO C 4 43.20 -5.31 -2.10
N ALA C 5 42.66 -6.52 -2.27
CA ALA C 5 42.25 -6.96 -3.59
C ALA C 5 41.49 -8.28 -3.51
N CYS C 6 40.40 -8.37 -4.29
CA CYS C 6 39.56 -9.55 -4.33
C CYS C 6 38.49 -9.38 -5.41
N GLY C 7 38.89 -9.59 -6.67
CA GLY C 7 38.00 -9.38 -7.80
C GLY C 7 37.60 -10.70 -8.46
N SER C 8 36.66 -11.40 -7.85
CA SER C 8 36.11 -12.62 -8.42
C SER C 8 34.76 -12.33 -9.08
N ILE C 9 34.30 -11.09 -8.93
CA ILE C 9 32.89 -10.76 -9.06
C ILE C 9 32.62 -10.30 -10.48
N VAL C 10 31.58 -10.88 -11.10
CA VAL C 10 31.03 -10.41 -12.36
C VAL C 10 30.17 -9.18 -12.10
N PRO C 11 30.49 -8.00 -12.69
CA PRO C 11 29.68 -6.81 -12.47
C PRO C 11 28.32 -6.89 -13.16
N ARG C 12 27.38 -6.07 -12.65
CA ARG C 12 26.02 -6.03 -13.17
C ARG C 12 26.06 -5.77 -14.67
N ARG C 13 26.87 -4.78 -15.05
CA ARG C 13 27.00 -4.39 -16.44
C ARG C 13 27.33 -5.63 -17.25
N GLU C 14 28.26 -6.46 -16.74
CA GLU C 14 28.74 -7.62 -17.46
C GLU C 14 27.64 -8.67 -17.65
N TRP C 15 26.77 -8.85 -16.64
CA TRP C 15 25.70 -9.84 -16.78
C TRP C 15 24.41 -9.16 -17.22
N ARG C 16 24.51 -7.86 -17.57
CA ARG C 16 23.50 -7.17 -18.35
C ARG C 16 22.25 -7.04 -17.50
N ALA C 17 22.49 -6.55 -16.28
CA ALA C 17 21.47 -6.31 -15.30
C ALA C 17 20.77 -4.99 -15.61
N LEU C 18 19.45 -4.97 -15.32
CA LEU C 18 18.66 -3.75 -15.33
C LEU C 18 19.15 -2.85 -14.21
N ALA C 19 18.93 -1.54 -14.38
CA ALA C 19 19.39 -0.53 -13.46
C ALA C 19 18.70 -0.66 -12.10
N SER C 20 19.51 -0.68 -11.03
CA SER C 20 18.98 -0.69 -9.68
C SER C 20 18.31 0.64 -9.36
N GLU C 21 17.16 0.56 -8.69
CA GLU C 21 16.46 1.73 -8.19
C GLU C 21 16.57 1.80 -6.67
N CYS C 22 17.35 0.86 -6.08
CA CYS C 22 17.45 0.76 -4.63
C CYS C 22 18.36 1.87 -4.14
N ARG C 23 18.10 2.39 -2.94
CA ARG C 23 18.87 3.50 -2.41
C ARG C 23 19.14 3.36 -0.91
N GLU C 24 18.77 2.22 -0.31
CA GLU C 24 19.01 2.05 1.12
C GLU C 24 20.36 1.39 1.35
N ARG C 25 21.10 1.91 2.34
CA ARG C 25 22.47 1.50 2.61
C ARG C 25 22.52 0.53 3.77
N LEU C 26 23.30 -0.55 3.60
CA LEU C 26 23.88 -1.27 4.73
C LEU C 26 24.96 -0.40 5.34
N THR C 27 25.14 -0.53 6.65
CA THR C 27 26.27 0.08 7.32
C THR C 27 27.36 -0.98 7.40
N ARG C 28 28.58 -0.62 6.97
CA ARG C 28 29.71 -1.49 7.20
C ARG C 28 30.43 -1.17 8.52
N PRO C 29 30.97 -2.18 9.24
CA PRO C 29 31.01 -3.56 8.77
C PRO C 29 29.81 -4.42 9.17
N VAL C 30 29.28 -5.15 8.18
CA VAL C 30 28.11 -6.00 8.35
C VAL C 30 28.52 -7.23 9.15
N ARG C 31 27.61 -7.67 10.04
CA ARG C 31 27.88 -8.76 10.96
C ARG C 31 27.42 -10.09 10.36
N TYR C 32 26.36 -10.10 9.56
CA TYR C 32 25.74 -11.38 9.24
C TYR C 32 25.77 -11.67 7.74
N VAL C 33 25.77 -12.97 7.43
CA VAL C 33 25.62 -13.44 6.06
C VAL C 33 24.53 -14.50 6.03
N VAL C 34 23.59 -14.37 5.09
CA VAL C 34 22.48 -15.31 5.02
C VAL C 34 22.56 -16.03 3.69
N VAL C 35 22.57 -17.36 3.74
CA VAL C 35 22.80 -18.19 2.56
C VAL C 35 21.48 -18.79 2.11
N SER C 36 21.06 -18.41 0.89
CA SER C 36 19.84 -18.88 0.25
C SER C 36 20.21 -19.63 -1.02
N HIS C 37 19.25 -20.30 -1.63
CA HIS C 37 19.35 -20.68 -3.03
C HIS C 37 18.23 -19.96 -3.76
N THR C 38 18.26 -20.04 -5.10
CA THR C 38 17.20 -19.48 -5.91
C THR C 38 16.03 -20.45 -5.96
N ALA C 39 16.30 -21.73 -5.66
CA ALA C 39 15.30 -22.79 -5.72
C ALA C 39 14.85 -23.02 -7.16
N GLY C 40 15.60 -22.43 -8.10
CA GLY C 40 15.32 -22.55 -9.52
C GLY C 40 16.41 -23.34 -10.22
N SER C 41 16.41 -23.27 -11.54
CA SER C 41 17.43 -23.92 -12.35
C SER C 41 18.80 -23.40 -11.99
N HIS C 42 19.81 -24.17 -12.40
CA HIS C 42 21.20 -23.82 -12.15
C HIS C 42 21.91 -23.74 -13.50
N CYS C 43 23.19 -23.35 -13.44
CA CYS C 43 23.92 -22.90 -14.61
C CYS C 43 25.41 -23.18 -14.40
N ASP C 44 26.09 -23.61 -15.46
CA ASP C 44 27.45 -24.10 -15.32
C ASP C 44 28.41 -23.39 -16.29
N THR C 45 27.95 -22.30 -16.92
CA THR C 45 28.80 -21.52 -17.80
C THR C 45 28.48 -20.04 -17.60
N PRO C 46 29.45 -19.12 -17.78
CA PRO C 46 29.17 -17.70 -17.64
C PRO C 46 28.03 -17.24 -18.55
N ALA C 47 28.03 -17.73 -19.80
CA ALA C 47 27.01 -17.35 -20.77
C ALA C 47 25.61 -17.71 -20.25
N SER C 48 25.49 -18.86 -19.56
CA SER C 48 24.22 -19.34 -19.05
C SER C 48 23.93 -18.74 -17.67
N CYS C 49 24.97 -18.62 -16.85
CA CYS C 49 24.84 -18.03 -15.53
C CYS C 49 24.49 -16.54 -15.61
N ALA C 50 25.00 -15.84 -16.62
CA ALA C 50 24.59 -14.47 -16.82
C ALA C 50 23.11 -14.42 -17.17
N GLN C 51 22.69 -15.32 -18.07
CA GLN C 51 21.29 -15.48 -18.43
C GLN C 51 20.48 -15.69 -17.16
N GLN C 52 20.97 -16.57 -16.29
CA GLN C 52 20.22 -16.96 -15.11
C GLN C 52 20.03 -15.72 -14.24
N ALA C 53 21.13 -15.03 -13.96
CA ALA C 53 21.07 -13.89 -13.06
C ALA C 53 20.07 -12.87 -13.60
N GLN C 54 19.96 -12.80 -14.93
CA GLN C 54 18.96 -11.95 -15.57
C GLN C 54 17.55 -12.40 -15.16
N ASN C 55 17.29 -13.71 -15.25
CA ASN C 55 15.97 -14.26 -14.93
C ASN C 55 15.62 -13.96 -13.48
N VAL C 56 16.61 -14.09 -12.58
CA VAL C 56 16.39 -13.91 -11.15
C VAL C 56 16.00 -12.46 -10.92
N GLN C 57 16.80 -11.53 -11.45
CA GLN C 57 16.49 -10.12 -11.29
C GLN C 57 15.11 -9.82 -11.88
N SER C 58 14.80 -10.46 -13.02
CA SER C 58 13.56 -10.28 -13.77
C SER C 58 12.34 -10.66 -12.94
N TYR C 59 12.40 -11.83 -12.30
CA TYR C 59 11.36 -12.22 -11.35
C TYR C 59 11.13 -11.09 -10.35
N HIS C 60 12.20 -10.69 -9.65
CA HIS C 60 12.10 -9.76 -8.54
C HIS C 60 11.59 -8.39 -9.00
N VAL C 61 12.03 -7.95 -10.17
CA VAL C 61 11.82 -6.57 -10.59
C VAL C 61 10.52 -6.43 -11.36
N ARG C 62 10.25 -7.37 -12.28
CA ARG C 62 9.06 -7.30 -13.12
C ARG C 62 7.85 -7.87 -12.38
N ASN C 63 8.01 -9.03 -11.74
CA ASN C 63 6.89 -9.72 -11.12
C ASN C 63 6.64 -9.12 -9.75
N LEU C 64 7.69 -9.00 -8.93
CA LEU C 64 7.51 -8.56 -7.55
C LEU C 64 7.56 -7.03 -7.50
N GLY C 65 8.01 -6.39 -8.59
CA GLY C 65 8.10 -4.94 -8.63
C GLY C 65 9.16 -4.38 -7.67
N TRP C 66 10.27 -5.09 -7.50
CA TRP C 66 11.33 -4.66 -6.61
C TRP C 66 12.33 -3.77 -7.35
N CYS C 67 13.06 -2.97 -6.56
CA CYS C 67 13.98 -1.99 -7.09
C CYS C 67 15.16 -2.68 -7.76
N ASP C 68 15.37 -3.95 -7.39
CA ASP C 68 16.48 -4.75 -7.89
C ASP C 68 16.25 -6.17 -7.38
N VAL C 69 17.03 -7.10 -7.94
CA VAL C 69 17.15 -8.44 -7.40
C VAL C 69 17.40 -8.34 -5.90
N GLY C 70 16.86 -9.30 -5.15
CA GLY C 70 16.81 -9.23 -3.71
C GLY C 70 18.19 -9.35 -3.06
N TYR C 71 19.08 -10.15 -3.69
CA TYR C 71 20.29 -10.62 -3.03
C TYR C 71 21.45 -9.65 -3.29
N ASN C 72 22.42 -9.64 -2.35
CA ASN C 72 23.61 -8.82 -2.45
C ASN C 72 24.61 -9.43 -3.42
N PHE C 73 24.63 -10.77 -3.50
CA PHE C 73 25.44 -11.49 -4.46
C PHE C 73 24.74 -12.78 -4.84
N LEU C 74 25.10 -13.34 -6.01
CA LEU C 74 24.59 -14.63 -6.44
C LEU C 74 25.77 -15.51 -6.85
N ILE C 75 25.67 -16.81 -6.57
CA ILE C 75 26.76 -17.75 -6.85
C ILE C 75 26.34 -18.68 -7.98
N GLY C 76 27.18 -18.75 -9.00
CA GLY C 76 26.93 -19.64 -10.13
C GLY C 76 27.56 -21.00 -9.89
N GLU C 77 27.04 -22.01 -10.58
CA GLU C 77 27.71 -23.30 -10.66
C GLU C 77 28.71 -23.27 -11.81
N ASP C 78 28.92 -22.07 -12.37
CA ASP C 78 30.04 -21.80 -13.27
C ASP C 78 31.28 -21.41 -12.47
N GLY C 79 31.13 -21.23 -11.16
CA GLY C 79 32.25 -20.92 -10.29
C GLY C 79 32.50 -19.42 -10.16
N LEU C 80 31.61 -18.61 -10.76
CA LEU C 80 31.72 -17.16 -10.72
C LEU C 80 30.66 -16.61 -9.79
N VAL C 81 30.98 -15.47 -9.19
CA VAL C 81 30.06 -14.66 -8.40
C VAL C 81 29.44 -13.60 -9.31
N TYR C 82 28.17 -13.28 -9.06
CA TYR C 82 27.45 -12.25 -9.79
C TYR C 82 27.09 -11.13 -8.81
N GLU C 83 27.34 -9.88 -9.22
CA GLU C 83 27.05 -8.72 -8.40
C GLU C 83 25.56 -8.45 -8.45
N GLY C 84 24.91 -8.59 -7.28
CA GLY C 84 23.55 -8.12 -7.07
C GLY C 84 23.59 -6.69 -6.56
N ARG C 85 23.15 -6.47 -5.33
CA ARG C 85 23.14 -5.14 -4.77
C ARG C 85 24.47 -4.81 -4.12
N GLY C 86 25.40 -5.77 -4.08
CA GLY C 86 26.76 -5.50 -3.63
C GLY C 86 26.81 -5.20 -2.14
N TRP C 87 27.93 -4.62 -1.70
CA TRP C 87 28.32 -4.63 -0.29
C TRP C 87 27.53 -3.62 0.51
N ASN C 88 27.04 -2.56 -0.16
CA ASN C 88 26.66 -1.34 0.52
C ASN C 88 25.16 -1.09 0.48
N ILE C 89 24.39 -1.88 -0.27
CA ILE C 89 22.96 -1.64 -0.35
C ILE C 89 22.19 -2.83 0.21
N LYS C 90 21.33 -2.52 1.18
CA LYS C 90 20.51 -3.50 1.88
C LYS C 90 19.70 -4.32 0.88
N GLY C 91 19.75 -5.64 1.04
CA GLY C 91 19.03 -6.54 0.16
C GLY C 91 17.58 -6.70 0.58
N ALA C 92 16.89 -7.61 -0.13
CA ALA C 92 15.55 -8.04 0.23
C ALA C 92 15.48 -9.57 0.09
N HIS C 93 15.89 -10.27 1.16
CA HIS C 93 16.25 -11.68 1.03
C HIS C 93 15.96 -12.46 2.31
N ALA C 94 15.97 -11.77 3.47
CA ALA C 94 15.78 -12.45 4.76
C ALA C 94 14.86 -11.67 5.70
N GLY C 95 14.07 -10.72 5.17
CA GLY C 95 13.04 -10.04 5.92
C GLY C 95 13.57 -8.82 6.68
N PRO C 96 12.65 -8.03 7.28
CA PRO C 96 12.94 -6.70 7.80
C PRO C 96 13.83 -6.59 9.03
N THR C 97 14.05 -7.71 9.73
CA THR C 97 14.91 -7.72 10.90
C THR C 97 16.34 -8.03 10.48
N TRP C 98 16.49 -8.84 9.42
CA TRP C 98 17.77 -9.38 9.01
C TRP C 98 18.34 -8.66 7.79
N ASN C 99 17.47 -8.28 6.85
CA ASN C 99 17.91 -7.53 5.68
C ASN C 99 18.86 -6.42 6.10
N PRO C 100 18.47 -5.54 7.06
CA PRO C 100 19.31 -4.41 7.44
C PRO C 100 20.69 -4.73 8.02
N ILE C 101 20.96 -5.99 8.40
CA ILE C 101 22.17 -6.30 9.17
C ILE C 101 22.90 -7.52 8.60
N SER C 102 22.48 -7.99 7.42
CA SER C 102 23.08 -9.17 6.82
C SER C 102 23.62 -8.82 5.44
N ILE C 103 24.39 -9.75 4.88
CA ILE C 103 24.56 -9.84 3.45
C ILE C 103 23.97 -11.16 3.01
N GLY C 104 23.02 -11.09 2.07
CA GLY C 104 22.40 -12.27 1.50
C GLY C 104 23.14 -12.72 0.24
N ILE C 105 23.70 -13.93 0.28
CA ILE C 105 24.26 -14.55 -0.91
C ILE C 105 23.35 -15.71 -1.28
N SER C 106 23.23 -16.01 -2.58
CA SER C 106 22.27 -17.01 -3.03
C SER C 106 22.87 -17.86 -4.13
N PHE C 107 22.87 -19.18 -3.91
CA PHE C 107 23.38 -20.11 -4.91
C PHE C 107 22.31 -20.30 -5.98
N MET C 108 22.65 -19.98 -7.22
CA MET C 108 21.71 -20.12 -8.32
C MET C 108 21.50 -21.61 -8.61
N GLY C 109 20.40 -22.14 -8.07
CA GLY C 109 20.02 -23.54 -8.23
C GLY C 109 19.03 -23.95 -7.15
N ASN C 110 18.82 -25.27 -7.02
CA ASN C 110 18.01 -25.85 -5.95
C ASN C 110 18.80 -26.98 -5.27
N TYR C 111 19.11 -26.79 -3.97
CA TYR C 111 20.08 -27.63 -3.29
C TYR C 111 19.39 -28.52 -2.26
N MET C 112 18.25 -29.08 -2.67
CA MET C 112 17.52 -30.09 -1.93
C MET C 112 18.09 -31.48 -2.22
N ASN C 113 18.51 -31.72 -3.46
CA ASN C 113 18.93 -33.04 -3.92
C ASN C 113 20.19 -32.96 -4.80
N ARG C 114 20.88 -31.82 -4.77
CA ARG C 114 22.23 -31.71 -5.28
C ARG C 114 23.04 -30.95 -4.24
N VAL C 115 24.35 -31.17 -4.23
CA VAL C 115 25.26 -30.22 -3.62
C VAL C 115 25.73 -29.29 -4.75
N PRO C 116 26.05 -28.01 -4.47
CA PRO C 116 26.75 -27.19 -5.44
C PRO C 116 28.20 -27.66 -5.63
N PRO C 117 28.73 -27.63 -6.87
CA PRO C 117 30.11 -28.05 -7.10
C PRO C 117 31.11 -27.24 -6.29
N PRO C 118 32.29 -27.82 -5.99
CA PRO C 118 33.26 -27.18 -5.10
C PRO C 118 33.59 -25.75 -5.50
N ARG C 119 33.67 -25.51 -6.81
CA ARG C 119 34.03 -24.19 -7.32
C ARG C 119 32.98 -23.17 -6.92
N ALA C 120 31.71 -23.59 -6.87
CA ALA C 120 30.67 -22.73 -6.33
C ALA C 120 30.99 -22.46 -4.87
N LEU C 121 31.28 -23.50 -4.09
CA LEU C 121 31.58 -23.32 -2.67
C LEU C 121 32.82 -22.43 -2.51
N ARG C 122 33.86 -22.71 -3.29
CA ARG C 122 35.07 -21.90 -3.28
C ARG C 122 34.71 -20.45 -3.55
N ALA C 123 33.94 -20.21 -4.60
CA ALA C 123 33.57 -18.86 -5.00
C ALA C 123 32.97 -18.11 -3.80
N ALA C 124 32.11 -18.82 -3.06
CA ALA C 124 31.35 -18.23 -1.98
C ALA C 124 32.26 -17.96 -0.78
N GLN C 125 33.18 -18.89 -0.50
CA GLN C 125 34.11 -18.75 0.60
C GLN C 125 35.03 -17.55 0.34
N ASN C 126 35.44 -17.45 -0.93
CA ASN C 126 36.35 -16.42 -1.39
C ASN C 126 35.65 -15.08 -1.29
N LEU C 127 34.37 -15.05 -1.69
CA LEU C 127 33.58 -13.84 -1.67
C LEU C 127 33.54 -13.25 -0.27
N LEU C 128 33.34 -14.11 0.73
CA LEU C 128 33.20 -13.64 2.09
C LEU C 128 34.55 -13.16 2.60
N ALA C 129 35.62 -13.86 2.21
CA ALA C 129 36.96 -13.44 2.54
C ALA C 129 37.22 -12.04 2.02
N CYS C 130 36.96 -11.87 0.72
CA CYS C 130 36.97 -10.57 0.07
C CYS C 130 36.27 -9.56 0.98
N GLY C 131 35.00 -9.86 1.33
CA GLY C 131 34.19 -8.97 2.13
C GLY C 131 34.94 -8.47 3.35
N VAL C 132 35.62 -9.40 4.03
CA VAL C 132 36.36 -9.09 5.24
C VAL C 132 37.55 -8.21 4.90
N ALA C 133 38.25 -8.57 3.81
CA ALA C 133 39.40 -7.82 3.36
C ALA C 133 39.04 -6.35 3.17
N LEU C 134 37.85 -6.08 2.60
CA LEU C 134 37.42 -4.74 2.26
C LEU C 134 36.92 -3.99 3.48
N GLY C 135 36.50 -4.72 4.52
CA GLY C 135 35.86 -4.13 5.68
C GLY C 135 34.34 -4.07 5.52
N ALA C 136 33.82 -4.78 4.51
CA ALA C 136 32.38 -4.86 4.29
C ALA C 136 31.75 -5.74 5.37
N LEU C 137 32.41 -6.87 5.64
CA LEU C 137 32.01 -7.81 6.69
C LEU C 137 32.92 -7.65 7.90
N ARG C 138 32.37 -7.86 9.10
CA ARG C 138 33.20 -8.01 10.28
C ARG C 138 34.04 -9.27 10.12
N SER C 139 35.26 -9.27 10.67
CA SER C 139 36.16 -10.41 10.56
C SER C 139 35.54 -11.66 11.18
N ASN C 140 34.74 -11.47 12.24
CA ASN C 140 34.03 -12.55 12.90
C ASN C 140 32.57 -12.57 12.50
N TYR C 141 32.28 -12.42 11.21
CA TYR C 141 30.92 -12.42 10.72
C TYR C 141 30.30 -13.78 11.00
N GLU C 142 28.98 -13.80 11.23
CA GLU C 142 28.23 -15.03 11.47
C GLU C 142 27.42 -15.37 10.22
N VAL C 143 27.57 -16.60 9.75
CA VAL C 143 26.79 -17.13 8.63
C VAL C 143 25.51 -17.73 9.19
N LYS C 144 24.40 -17.56 8.46
CA LYS C 144 23.14 -18.22 8.77
C LYS C 144 22.60 -18.85 7.49
N GLY C 145 21.88 -19.96 7.66
CA GLY C 145 21.07 -20.50 6.58
C GLY C 145 19.82 -19.66 6.40
N HIS C 146 19.16 -19.81 5.26
CA HIS C 146 17.94 -19.06 4.97
C HIS C 146 16.83 -19.57 5.87
N ARG C 147 16.79 -20.89 6.10
CA ARG C 147 15.78 -21.50 6.94
C ARG C 147 15.92 -21.09 8.41
N ASP C 148 17.09 -20.58 8.80
CA ASP C 148 17.35 -20.28 10.20
C ASP C 148 16.76 -18.95 10.62
N VAL C 149 16.40 -18.10 9.65
CA VAL C 149 15.89 -16.76 9.92
C VAL C 149 14.46 -16.67 9.45
N GLN C 150 14.07 -17.53 8.50
CA GLN C 150 12.77 -17.47 7.88
C GLN C 150 12.29 -18.86 7.50
N PRO C 151 10.96 -19.08 7.56
CA PRO C 151 10.38 -20.35 7.16
C PRO C 151 10.56 -20.55 5.67
N THR C 152 11.50 -21.43 5.34
CA THR C 152 11.75 -21.83 3.97
C THR C 152 12.70 -23.00 4.01
N LEU C 153 12.68 -23.79 2.95
CA LEU C 153 13.66 -24.86 2.74
C LEU C 153 15.03 -24.25 2.49
N SER C 154 15.06 -23.16 1.72
CA SER C 154 16.27 -22.41 1.45
C SER C 154 17.26 -22.42 2.62
N PRO C 155 18.56 -22.73 2.38
CA PRO C 155 19.15 -22.82 1.06
C PRO C 155 19.21 -24.21 0.46
N GLY C 156 18.32 -25.10 0.87
CA GLY C 156 18.38 -26.47 0.40
C GLY C 156 19.10 -27.37 1.41
N ASP C 157 18.67 -28.64 1.48
CA ASP C 157 19.09 -29.58 2.50
C ASP C 157 20.59 -29.86 2.38
N ARG C 158 21.00 -30.37 1.21
CA ARG C 158 22.38 -30.73 0.97
C ARG C 158 23.27 -29.54 1.31
N LEU C 159 22.89 -28.35 0.83
CA LEU C 159 23.69 -27.15 0.97
C LEU C 159 23.62 -26.60 2.39
N TYR C 160 22.43 -26.66 2.99
CA TYR C 160 22.27 -26.32 4.39
C TYR C 160 23.24 -27.19 5.20
N GLU C 161 23.39 -28.45 4.79
CA GLU C 161 24.23 -29.40 5.48
C GLU C 161 25.66 -28.87 5.50
N ILE C 162 26.13 -28.49 4.30
CA ILE C 162 27.47 -27.96 4.11
C ILE C 162 27.71 -26.80 5.08
N ILE C 163 26.81 -25.82 5.08
CA ILE C 163 27.13 -24.52 5.65
C ILE C 163 27.15 -24.58 7.18
N GLN C 164 26.48 -25.59 7.77
CA GLN C 164 26.48 -25.77 9.21
C GLN C 164 27.87 -26.14 9.73
N THR C 165 28.72 -26.66 8.83
CA THR C 165 30.09 -27.05 9.16
C THR C 165 30.98 -25.81 9.24
N TRP C 166 30.70 -24.78 8.42
CA TRP C 166 31.62 -23.68 8.17
C TRP C 166 31.99 -22.95 9.46
N SER C 167 33.24 -22.51 9.51
CA SER C 167 33.85 -21.95 10.71
C SER C 167 32.95 -20.88 11.32
N HIS C 168 32.36 -20.06 10.43
CA HIS C 168 31.67 -18.85 10.83
C HIS C 168 30.18 -19.09 11.05
N TYR C 169 29.70 -20.30 10.71
CA TYR C 169 28.32 -20.69 10.93
C TYR C 169 27.98 -20.57 12.41
N ARG C 170 26.76 -20.10 12.69
CA ARG C 170 26.29 -19.89 14.04
C ARG C 170 24.90 -20.49 14.21
N ALA C 171 24.71 -21.18 15.33
CA ALA C 171 23.44 -21.77 15.71
C ALA C 171 22.32 -20.76 15.52
N GLU D 1 -31.80 -16.08 7.51
CA GLU D 1 -30.34 -16.16 7.70
C GLU D 1 -29.90 -15.25 8.85
N ASP D 2 -28.67 -15.44 9.32
CA ASP D 2 -28.09 -14.64 10.40
C ASP D 2 -26.71 -14.14 10.00
N PRO D 3 -26.21 -13.06 10.66
CA PRO D 3 -24.88 -12.51 10.37
C PRO D 3 -23.72 -13.51 10.45
N PRO D 4 -23.57 -14.32 11.53
CA PRO D 4 -22.37 -15.13 11.71
C PRO D 4 -22.35 -16.39 10.85
N ALA D 5 -22.52 -17.57 11.48
CA ALA D 5 -22.92 -18.78 10.77
C ALA D 5 -21.86 -19.21 9.76
N CYS D 6 -20.71 -19.71 10.26
CA CYS D 6 -19.65 -20.20 9.39
C CYS D 6 -18.57 -20.94 10.18
N GLY D 7 -17.68 -21.60 9.44
CA GLY D 7 -16.33 -21.91 9.90
C GLY D 7 -16.29 -23.05 10.90
N SER D 8 -15.73 -24.18 10.46
CA SER D 8 -15.39 -25.29 11.34
C SER D 8 -13.87 -25.35 11.46
N ILE D 9 -13.37 -24.58 12.43
CA ILE D 9 -11.95 -24.35 12.63
C ILE D 9 -11.53 -25.14 13.86
N VAL D 10 -10.36 -25.80 13.78
CA VAL D 10 -9.77 -26.46 14.93
C VAL D 10 -9.12 -25.39 15.80
N PRO D 11 -9.66 -25.04 16.98
CA PRO D 11 -9.09 -23.97 17.78
C PRO D 11 -7.71 -24.29 18.33
N ARG D 12 -7.02 -23.23 18.79
CA ARG D 12 -5.63 -23.27 19.22
C ARG D 12 -5.46 -24.35 20.30
N ARG D 13 -6.20 -24.21 21.40
CA ARG D 13 -6.07 -25.12 22.52
C ARG D 13 -6.29 -26.55 22.04
N GLU D 14 -7.22 -26.74 21.09
CA GLU D 14 -7.59 -28.07 20.64
C GLU D 14 -6.41 -28.75 19.94
N TRP D 15 -5.63 -28.01 19.15
CA TRP D 15 -4.42 -28.58 18.57
C TRP D 15 -3.19 -28.29 19.45
N ARG D 16 -3.41 -27.69 20.63
CA ARG D 16 -2.38 -27.58 21.67
C ARG D 16 -1.23 -26.72 21.17
N ALA D 17 -1.55 -25.51 20.71
CA ALA D 17 -0.55 -24.51 20.40
C ALA D 17 0.01 -23.94 21.69
N LEU D 18 1.17 -23.29 21.61
CA LEU D 18 1.66 -22.45 22.70
C LEU D 18 0.79 -21.20 22.77
N ALA D 19 0.88 -20.49 23.89
CA ALA D 19 0.26 -19.18 23.98
C ALA D 19 1.01 -18.23 23.05
N SER D 20 0.26 -17.41 22.32
CA SER D 20 0.84 -16.37 21.47
C SER D 20 1.25 -15.19 22.34
N GLU D 21 2.19 -14.38 21.85
CA GLU D 21 2.52 -13.10 22.47
C GLU D 21 2.41 -11.96 21.46
N CYS D 22 1.78 -12.22 20.30
CA CYS D 22 1.67 -11.23 19.24
C CYS D 22 0.64 -10.18 19.63
N ARG D 23 1.04 -8.90 19.56
CA ARG D 23 0.17 -7.80 19.95
C ARG D 23 -0.44 -7.12 18.72
N GLU D 24 0.37 -6.96 17.66
CA GLU D 24 0.02 -6.10 16.54
C GLU D 24 -1.17 -6.70 15.77
N ARG D 25 -2.20 -5.86 15.56
CA ARG D 25 -3.48 -6.28 15.01
C ARG D 25 -3.66 -5.77 13.58
N LEU D 26 -4.36 -6.57 12.74
CA LEU D 26 -4.78 -6.16 11.41
C LEU D 26 -5.97 -5.21 11.53
N THR D 27 -6.39 -4.65 10.39
CA THR D 27 -7.59 -3.82 10.33
C THR D 27 -8.62 -4.52 9.44
N ARG D 28 -9.82 -4.71 9.98
CA ARG D 28 -10.88 -5.27 9.16
C ARG D 28 -11.75 -4.18 8.54
N PRO D 29 -12.36 -4.44 7.36
CA PRO D 29 -12.16 -5.68 6.61
C PRO D 29 -10.88 -5.70 5.80
N VAL D 30 -10.17 -6.84 5.87
CA VAL D 30 -8.92 -7.08 5.17
C VAL D 30 -9.21 -7.37 3.71
N ARG D 31 -8.32 -6.93 2.83
CA ARG D 31 -8.51 -6.95 1.39
C ARG D 31 -7.82 -8.16 0.75
N TYR D 32 -6.64 -8.50 1.28
CA TYR D 32 -5.75 -9.42 0.59
C TYR D 32 -5.63 -10.73 1.35
N VAL D 33 -5.43 -11.81 0.59
CA VAL D 33 -5.27 -13.14 1.13
C VAL D 33 -4.15 -13.84 0.37
N VAL D 34 -3.11 -14.28 1.10
CA VAL D 34 -1.95 -14.94 0.52
C VAL D 34 -1.98 -16.44 0.82
N VAL D 35 -1.74 -17.25 -0.21
CA VAL D 35 -1.77 -18.70 -0.14
C VAL D 35 -0.34 -19.23 -0.16
N SER D 36 0.12 -19.80 0.96
CA SER D 36 1.41 -20.46 0.99
C SER D 36 1.23 -21.97 1.13
N HIS D 37 2.36 -22.70 1.02
CA HIS D 37 2.44 -24.06 1.51
C HIS D 37 3.58 -24.11 2.52
N THR D 38 3.45 -25.03 3.49
CA THR D 38 4.43 -25.22 4.55
C THR D 38 5.70 -25.81 3.93
N ALA D 39 5.52 -26.45 2.76
CA ALA D 39 6.60 -27.04 1.99
C ALA D 39 7.11 -28.30 2.68
N GLY D 40 6.51 -28.66 3.83
CA GLY D 40 6.90 -29.83 4.60
C GLY D 40 6.04 -31.04 4.25
N SER D 41 5.94 -31.97 5.21
CA SER D 41 5.10 -33.16 5.04
C SER D 41 3.63 -32.77 5.17
N HIS D 42 2.78 -33.59 4.54
CA HIS D 42 1.34 -33.44 4.60
C HIS D 42 0.78 -34.39 5.66
N CYS D 43 -0.47 -34.15 6.06
CA CYS D 43 -1.19 -34.99 7.02
C CYS D 43 -2.61 -35.20 6.52
N ASP D 44 -3.26 -36.30 6.94
CA ASP D 44 -4.61 -36.60 6.49
C ASP D 44 -5.46 -37.15 7.64
N THR D 45 -5.08 -36.79 8.88
CA THR D 45 -5.84 -37.14 10.06
C THR D 45 -5.77 -35.98 11.04
N PRO D 46 -6.86 -35.75 11.79
CA PRO D 46 -6.88 -34.76 12.85
C PRO D 46 -5.69 -34.82 13.80
N ALA D 47 -5.39 -36.05 14.25
CA ALA D 47 -4.34 -36.27 15.24
C ALA D 47 -2.99 -35.89 14.64
N SER D 48 -2.76 -36.26 13.37
CA SER D 48 -1.51 -35.93 12.69
C SER D 48 -1.45 -34.43 12.36
N CYS D 49 -2.51 -33.91 11.70
CA CYS D 49 -2.53 -32.52 11.31
C CYS D 49 -2.30 -31.60 12.49
N ALA D 50 -2.81 -31.97 13.67
CA ALA D 50 -2.60 -31.19 14.89
C ALA D 50 -1.15 -31.29 15.33
N GLN D 51 -0.54 -32.44 15.00
CA GLN D 51 0.88 -32.65 15.23
C GLN D 51 1.68 -31.73 14.30
N GLN D 52 1.34 -31.78 13.01
CA GLN D 52 1.98 -30.91 12.03
C GLN D 52 1.93 -29.46 12.52
N ALA D 53 0.74 -29.01 12.89
CA ALA D 53 0.54 -27.62 13.29
C ALA D 53 1.46 -27.25 14.45
N GLN D 54 1.69 -28.22 15.32
CA GLN D 54 2.46 -27.99 16.53
C GLN D 54 3.93 -27.89 16.14
N ASN D 55 4.31 -28.63 15.09
CA ASN D 55 5.66 -28.61 14.56
C ASN D 55 5.97 -27.26 13.93
N VAL D 56 5.15 -26.89 12.93
CA VAL D 56 5.29 -25.63 12.24
C VAL D 56 5.41 -24.49 13.26
N GLN D 57 4.51 -24.47 14.24
CA GLN D 57 4.54 -23.44 15.26
C GLN D 57 5.85 -23.52 16.06
N SER D 58 6.32 -24.75 16.31
CA SER D 58 7.54 -24.97 17.07
C SER D 58 8.70 -24.29 16.34
N TYR D 59 8.88 -24.65 15.07
CA TYR D 59 9.85 -24.00 14.18
C TYR D 59 9.79 -22.49 14.34
N HIS D 60 8.60 -21.89 14.19
CA HIS D 60 8.49 -20.45 14.03
C HIS D 60 8.78 -19.73 15.35
N VAL D 61 8.56 -20.42 16.48
CA VAL D 61 8.59 -19.79 17.79
C VAL D 61 9.82 -20.22 18.58
N ARG D 62 10.08 -21.54 18.60
CA ARG D 62 11.27 -22.07 19.24
C ARG D 62 12.50 -21.53 18.53
N ASN D 63 12.58 -21.73 17.21
CA ASN D 63 13.79 -21.43 16.45
C ASN D 63 13.85 -19.95 16.11
N LEU D 64 12.90 -19.48 15.29
CA LEU D 64 12.97 -18.15 14.71
C LEU D 64 12.67 -17.12 15.78
N GLY D 65 12.01 -17.55 16.88
CA GLY D 65 11.81 -16.72 18.06
C GLY D 65 10.62 -15.77 17.91
N TRP D 66 9.71 -16.09 16.99
CA TRP D 66 8.54 -15.25 16.74
C TRP D 66 7.52 -15.44 17.85
N CYS D 67 6.61 -14.46 17.95
CA CYS D 67 5.57 -14.42 18.97
C CYS D 67 4.58 -15.58 18.86
N ASP D 68 4.49 -16.21 17.67
CA ASP D 68 3.49 -17.23 17.37
C ASP D 68 3.70 -17.73 15.96
N VAL D 69 3.07 -18.86 15.62
CA VAL D 69 3.07 -19.38 14.26
C VAL D 69 2.79 -18.20 13.34
N GLY D 70 3.55 -18.13 12.25
CA GLY D 70 3.48 -16.99 11.36
C GLY D 70 2.10 -16.84 10.74
N TYR D 71 1.50 -17.97 10.32
CA TYR D 71 0.32 -17.95 9.47
C TYR D 71 -0.91 -17.65 10.31
N ASN D 72 -1.91 -17.07 9.65
CA ASN D 72 -3.16 -16.69 10.29
C ASN D 72 -4.00 -17.97 10.50
N PHE D 73 -4.01 -18.85 9.48
CA PHE D 73 -4.69 -20.14 9.52
C PHE D 73 -3.91 -21.18 8.71
N LEU D 74 -4.02 -22.47 9.07
CA LEU D 74 -3.44 -23.53 8.26
C LEU D 74 -4.53 -24.50 7.82
N ILE D 75 -4.30 -25.21 6.71
CA ILE D 75 -5.25 -26.17 6.18
C ILE D 75 -4.59 -27.55 6.13
N GLY D 76 -5.16 -28.54 6.82
CA GLY D 76 -4.71 -29.92 6.69
C GLY D 76 -5.39 -30.59 5.49
N GLU D 77 -4.88 -31.76 5.08
CA GLU D 77 -5.56 -32.58 4.07
C GLU D 77 -6.51 -33.55 4.78
N ASP D 78 -6.60 -33.43 6.11
CA ASP D 78 -7.69 -34.03 6.86
C ASP D 78 -8.99 -33.28 6.61
N GLY D 79 -8.94 -32.12 5.93
CA GLY D 79 -10.14 -31.36 5.59
C GLY D 79 -10.53 -30.30 6.63
N LEU D 80 -9.63 -30.01 7.58
CA LEU D 80 -9.92 -29.10 8.67
C LEU D 80 -8.94 -27.90 8.66
N VAL D 81 -9.39 -26.79 9.25
CA VAL D 81 -8.62 -25.57 9.28
C VAL D 81 -8.08 -25.37 10.69
N TYR D 82 -6.80 -25.05 10.82
CA TYR D 82 -6.19 -24.93 12.13
C TYR D 82 -6.04 -23.45 12.45
N GLU D 83 -6.63 -23.05 13.58
CA GLU D 83 -6.54 -21.68 14.04
C GLU D 83 -5.08 -21.32 14.26
N GLY D 84 -4.57 -20.42 13.40
CA GLY D 84 -3.25 -19.81 13.58
C GLY D 84 -3.37 -18.49 14.33
N ARG D 85 -2.80 -17.42 13.77
CA ARG D 85 -2.89 -16.10 14.39
C ARG D 85 -4.30 -15.56 14.21
N GLY D 86 -5.02 -16.09 13.20
CA GLY D 86 -6.45 -15.85 13.06
C GLY D 86 -6.76 -14.57 12.28
N TRP D 87 -8.00 -14.10 12.42
CA TRP D 87 -8.54 -13.02 11.60
C TRP D 87 -8.01 -11.64 11.99
N ASN D 88 -7.57 -11.49 13.25
CA ASN D 88 -7.43 -10.17 13.84
C ASN D 88 -5.98 -9.75 14.02
N ILE D 89 -5.05 -10.72 14.07
CA ILE D 89 -3.66 -10.44 14.42
C ILE D 89 -2.78 -10.51 13.18
N LYS D 90 -1.93 -9.49 13.04
CA LYS D 90 -0.95 -9.41 11.97
C LYS D 90 -0.07 -10.64 11.96
N GLY D 91 0.10 -11.22 10.77
CA GLY D 91 0.83 -12.47 10.60
C GLY D 91 2.26 -12.24 10.12
N ALA D 92 2.97 -13.35 9.91
CA ALA D 92 4.34 -13.34 9.44
C ALA D 92 4.47 -14.43 8.38
N HIS D 93 4.07 -14.10 7.15
CA HIS D 93 4.01 -15.08 6.08
C HIS D 93 4.30 -14.50 4.69
N ALA D 94 4.32 -13.17 4.53
CA ALA D 94 4.36 -12.57 3.21
C ALA D 94 5.27 -11.33 3.11
N GLY D 95 6.03 -11.01 4.17
CA GLY D 95 6.91 -9.85 4.19
C GLY D 95 6.21 -8.66 4.82
N PRO D 96 6.92 -7.55 5.16
CA PRO D 96 6.30 -6.42 5.84
C PRO D 96 5.38 -5.59 4.95
N THR D 97 5.38 -5.85 3.63
CA THR D 97 4.51 -5.14 2.71
C THR D 97 3.10 -5.74 2.76
N TRP D 98 3.00 -7.06 2.95
CA TRP D 98 1.72 -7.74 2.83
C TRP D 98 1.20 -8.23 4.18
N ASN D 99 2.10 -8.63 5.07
CA ASN D 99 1.69 -9.11 6.38
C ASN D 99 0.64 -8.18 6.98
N PRO D 100 0.87 -6.84 7.04
CA PRO D 100 -0.07 -5.93 7.70
C PRO D 100 -1.36 -5.64 6.95
N ILE D 101 -1.60 -6.26 5.79
CA ILE D 101 -2.79 -5.97 5.00
C ILE D 101 -3.37 -7.27 4.40
N SER D 102 -2.97 -8.41 4.95
CA SER D 102 -3.33 -9.69 4.35
C SER D 102 -3.59 -10.74 5.42
N ILE D 103 -4.46 -11.69 5.07
CA ILE D 103 -4.58 -12.95 5.79
C ILE D 103 -3.76 -13.98 5.04
N GLY D 104 -2.89 -14.68 5.77
CA GLY D 104 -2.02 -15.73 5.24
C GLY D 104 -2.48 -17.13 5.66
N ILE D 105 -2.92 -17.92 4.66
CA ILE D 105 -3.28 -19.29 4.92
C ILE D 105 -2.24 -20.19 4.25
N SER D 106 -1.92 -21.29 4.93
CA SER D 106 -0.90 -22.21 4.46
C SER D 106 -1.47 -23.62 4.45
N PHE D 107 -1.46 -24.25 3.27
CA PHE D 107 -1.75 -25.66 3.13
C PHE D 107 -0.56 -26.50 3.62
N MET D 108 -0.76 -27.27 4.69
CA MET D 108 0.29 -28.14 5.22
C MET D 108 0.62 -29.26 4.26
N GLY D 109 1.85 -29.18 3.73
CA GLY D 109 2.33 -30.10 2.71
C GLY D 109 3.20 -29.35 1.71
N ASN D 110 3.45 -30.01 0.58
CA ASN D 110 4.28 -29.49 -0.49
C ASN D 110 3.66 -29.90 -1.82
N TYR D 111 3.19 -28.90 -2.58
CA TYR D 111 2.32 -29.12 -3.73
C TYR D 111 3.01 -28.65 -5.00
N MET D 112 4.29 -29.04 -5.16
CA MET D 112 5.02 -28.75 -6.39
C MET D 112 4.64 -29.76 -7.47
N ASN D 113 4.41 -31.00 -7.04
CA ASN D 113 4.07 -32.09 -7.95
C ASN D 113 2.86 -32.85 -7.43
N ARG D 114 2.35 -32.40 -6.28
CA ARG D 114 1.20 -32.96 -5.60
C ARG D 114 0.10 -31.90 -5.58
N VAL D 115 -1.15 -32.31 -5.87
CA VAL D 115 -2.30 -31.44 -5.67
C VAL D 115 -2.88 -31.74 -4.29
N PRO D 116 -3.36 -30.75 -3.52
CA PRO D 116 -4.12 -31.04 -2.32
C PRO D 116 -5.49 -31.63 -2.64
N PRO D 117 -6.10 -32.40 -1.72
CA PRO D 117 -7.34 -33.11 -2.02
C PRO D 117 -8.55 -32.19 -1.92
N PRO D 118 -9.67 -32.51 -2.61
CA PRO D 118 -10.88 -31.70 -2.52
C PRO D 118 -11.12 -31.12 -1.12
N ARG D 119 -11.18 -31.96 -0.10
CA ARG D 119 -11.59 -31.52 1.23
C ARG D 119 -10.66 -30.45 1.80
N ALA D 120 -9.40 -30.39 1.34
CA ALA D 120 -8.51 -29.31 1.76
C ALA D 120 -8.83 -28.03 1.00
N LEU D 121 -9.26 -28.17 -0.27
CA LEU D 121 -9.59 -27.06 -1.14
C LEU D 121 -10.91 -26.43 -0.68
N ARG D 122 -11.84 -27.27 -0.20
CA ARG D 122 -13.12 -26.78 0.28
C ARG D 122 -12.92 -26.17 1.67
N ALA D 123 -12.01 -26.73 2.45
CA ALA D 123 -11.73 -26.17 3.75
C ALA D 123 -11.28 -24.72 3.58
N ALA D 124 -10.52 -24.47 2.51
CA ALA D 124 -9.92 -23.17 2.27
C ALA D 124 -10.98 -22.17 1.81
N GLN D 125 -11.67 -22.50 0.72
CA GLN D 125 -12.70 -21.64 0.13
C GLN D 125 -13.78 -21.30 1.18
N ASN D 126 -14.13 -22.31 1.97
CA ASN D 126 -15.14 -22.21 3.01
C ASN D 126 -14.68 -21.23 4.08
N LEU D 127 -13.36 -21.15 4.33
CA LEU D 127 -12.81 -20.29 5.37
C LEU D 127 -12.90 -18.82 4.94
N LEU D 128 -12.76 -18.62 3.63
CA LEU D 128 -12.73 -17.29 3.04
C LEU D 128 -14.15 -16.72 3.07
N ALA D 129 -15.10 -17.50 2.56
CA ALA D 129 -16.52 -17.22 2.73
C ALA D 129 -16.82 -16.83 4.18
N CYS D 130 -16.29 -17.61 5.12
CA CYS D 130 -16.45 -17.32 6.54
C CYS D 130 -15.86 -15.95 6.86
N GLY D 131 -14.65 -15.67 6.39
CA GLY D 131 -13.97 -14.40 6.67
C GLY D 131 -14.81 -13.22 6.20
N VAL D 132 -15.45 -13.41 5.04
CA VAL D 132 -16.28 -12.38 4.42
C VAL D 132 -17.53 -12.17 5.26
N ALA D 133 -18.19 -13.27 5.64
CA ALA D 133 -19.40 -13.21 6.43
C ALA D 133 -19.15 -12.56 7.79
N LEU D 134 -17.93 -12.69 8.31
CA LEU D 134 -17.61 -12.10 9.60
C LEU D 134 -17.26 -10.63 9.46
N GLY D 135 -17.05 -10.19 8.22
CA GLY D 135 -16.57 -8.85 7.95
C GLY D 135 -15.09 -8.74 8.30
N ALA D 136 -14.40 -9.91 8.29
CA ALA D 136 -12.98 -9.98 8.52
C ALA D 136 -12.24 -9.76 7.20
N LEU D 137 -12.80 -10.28 6.11
CA LEU D 137 -12.31 -10.01 4.77
C LEU D 137 -13.30 -9.09 4.07
N ARG D 138 -12.79 -8.27 3.13
CA ARG D 138 -13.64 -7.50 2.25
C ARG D 138 -14.40 -8.45 1.34
N SER D 139 -15.63 -8.07 0.95
CA SER D 139 -16.49 -8.90 0.11
C SER D 139 -15.80 -9.20 -1.22
N ASN D 140 -14.98 -8.23 -1.67
CA ASN D 140 -14.29 -8.29 -2.95
C ASN D 140 -12.79 -8.51 -2.72
N TYR D 141 -12.45 -9.30 -1.69
CA TYR D 141 -11.06 -9.55 -1.32
C TYR D 141 -10.30 -10.16 -2.48
N GLU D 142 -8.97 -10.11 -2.41
CA GLU D 142 -8.14 -10.61 -3.50
C GLU D 142 -7.19 -11.66 -2.96
N VAL D 143 -6.92 -12.69 -3.79
CA VAL D 143 -6.07 -13.79 -3.39
C VAL D 143 -4.80 -13.75 -4.24
N LYS D 144 -3.64 -13.71 -3.58
CA LYS D 144 -2.35 -13.85 -4.25
C LYS D 144 -1.74 -15.20 -3.88
N GLY D 145 -0.87 -15.71 -4.75
CA GLY D 145 0.12 -16.69 -4.35
C GLY D 145 1.18 -16.03 -3.47
N HIS D 146 1.94 -16.83 -2.74
CA HIS D 146 3.12 -16.37 -2.03
C HIS D 146 4.16 -15.89 -3.04
N ARG D 147 4.30 -16.62 -4.16
CA ARG D 147 5.31 -16.34 -5.17
C ARG D 147 4.95 -15.08 -5.96
N ASP D 148 3.76 -14.51 -5.70
CA ASP D 148 3.29 -13.32 -6.39
C ASP D 148 3.73 -12.08 -5.62
N VAL D 149 4.07 -12.24 -4.34
CA VAL D 149 4.39 -11.13 -3.47
C VAL D 149 5.77 -11.33 -2.86
N GLN D 150 6.35 -12.52 -3.05
CA GLN D 150 7.58 -12.89 -2.38
C GLN D 150 8.28 -13.90 -3.25
N PRO D 151 9.63 -13.95 -3.25
CA PRO D 151 10.36 -14.94 -4.02
C PRO D 151 10.37 -16.28 -3.31
N THR D 152 9.73 -17.27 -3.93
CA THR D 152 9.49 -18.57 -3.32
C THR D 152 8.79 -19.46 -4.35
N LEU D 153 8.82 -20.77 -4.08
CA LEU D 153 8.03 -21.70 -4.86
C LEU D 153 6.63 -21.78 -4.25
N SER D 154 6.51 -21.29 -3.01
CA SER D 154 5.24 -21.28 -2.29
C SER D 154 4.13 -20.63 -3.12
N PRO D 155 2.94 -21.26 -3.28
CA PRO D 155 2.58 -22.49 -2.61
C PRO D 155 2.66 -23.74 -3.49
N GLY D 156 3.58 -23.74 -4.46
CA GLY D 156 3.91 -24.94 -5.23
C GLY D 156 3.07 -25.03 -6.50
N ASP D 157 3.70 -25.48 -7.60
CA ASP D 157 3.17 -25.36 -8.94
C ASP D 157 1.72 -25.83 -9.00
N ARG D 158 1.47 -27.02 -8.47
CA ARG D 158 0.18 -27.68 -8.63
C ARG D 158 -0.91 -26.86 -7.96
N LEU D 159 -0.60 -26.31 -6.78
CA LEU D 159 -1.56 -25.57 -5.97
C LEU D 159 -1.65 -24.11 -6.42
N TYR D 160 -0.49 -23.50 -6.69
CA TYR D 160 -0.48 -22.20 -7.34
C TYR D 160 -1.43 -22.25 -8.53
N GLU D 161 -1.29 -23.31 -9.35
CA GLU D 161 -2.09 -23.51 -10.55
C GLU D 161 -3.58 -23.53 -10.21
N ILE D 162 -3.93 -24.08 -9.04
CA ILE D 162 -5.32 -24.15 -8.61
C ILE D 162 -5.81 -22.76 -8.27
N ILE D 163 -5.13 -22.10 -7.31
CA ILE D 163 -5.63 -20.85 -6.74
C ILE D 163 -5.86 -19.82 -7.86
N GLN D 164 -5.27 -20.06 -9.04
CA GLN D 164 -5.40 -19.14 -10.17
C GLN D 164 -6.77 -19.26 -10.84
N THR D 165 -7.48 -20.35 -10.58
CA THR D 165 -8.83 -20.53 -11.11
C THR D 165 -9.84 -19.78 -10.25
N TRP D 166 -9.43 -19.39 -9.04
CA TRP D 166 -10.34 -18.95 -8.00
C TRP D 166 -11.00 -17.62 -8.35
N SER D 167 -12.27 -17.49 -7.91
CA SER D 167 -13.07 -16.29 -8.04
C SER D 167 -12.26 -15.04 -7.70
N HIS D 168 -11.54 -15.07 -6.57
CA HIS D 168 -10.92 -13.87 -6.01
C HIS D 168 -9.42 -13.80 -6.28
N TYR D 169 -8.89 -14.65 -7.17
CA TYR D 169 -7.49 -14.55 -7.54
C TYR D 169 -7.32 -13.28 -8.37
N ARG D 170 -6.38 -12.44 -7.93
CA ARG D 170 -5.96 -11.24 -8.65
C ARG D 170 -4.46 -11.31 -8.87
N ALA D 171 -4.07 -11.51 -10.14
CA ALA D 171 -2.72 -11.88 -10.52
C ALA D 171 -1.72 -10.81 -10.08
#